data_6SQ4
#
_entry.id   6SQ4
#
_cell.length_a   41.950
_cell.length_b   118.101
_cell.length_c   72.093
_cell.angle_alpha   90.000
_cell.angle_beta   103.450
_cell.angle_gamma   90.000
#
_symmetry.space_group_name_H-M   'P 1 21 1'
#
loop_
_entity.id
_entity.type
_entity.pdbx_description
1 polymer 'Protein arginine N-methyltransferase 6'
2 non-polymer 'IODIDE ION'
3 non-polymer 9-(7-{[amino(iminio)methyl]amino}-5,6,7-trideoxy-beta-D-ribo-heptofuranosyl)-9H-purin-6-amine
4 water water
#
_entity_poly.entity_id   1
_entity_poly.type   'polypeptide(L)'
_entity_poly.pdbx_seq_one_letter_code
;MSLSKKRKLESGDSGGAGAGGEGAEEENGGEQEAAPPRPRRTKSERDQLYYECYSDVSVHEEMIADQVRTEAYRLGILKN
WAALRGKTVLDVGAGTGILSIFCAQAGARRVYAVEASAIWQQAREVVRLNGLEDRVHVLPGPVETVELPERVDAIVSEWM
GYGLLHESMLSSVLHARTKWLKEGGLLLPASAELFVAPISDQMLEWRLGFWSQVKQHYGVDMSCMESFATRCLMGHSEIV
VQDLSGEDVLARPQRFAQLELARAGLEQELEAGVGGRFRCSCYGSAPLHGFAVWFQVTFPGGDSEKPLVLSTSPLHPATH
WKQALLYLNEPVPVEQDTDISGEITLLPSPDNPRRLRILLRYKVGDHEEKTKDFAMEDGSENLYFQ
;
_entity_poly.pdbx_strand_id   A,B
#
# COMPACT_ATOMS: atom_id res chain seq x y z
N ARG A 41 -14.16 -5.19 13.48
CA ARG A 41 -14.05 -6.64 13.49
C ARG A 41 -14.05 -7.19 14.92
N THR A 42 -14.63 -8.38 15.09
CA THR A 42 -14.66 -9.02 16.39
C THR A 42 -13.30 -9.62 16.73
N LYS A 43 -13.14 -10.02 17.99
CA LYS A 43 -11.90 -10.66 18.39
C LYS A 43 -11.64 -11.91 17.54
N SER A 44 -12.65 -12.75 17.34
CA SER A 44 -12.49 -13.92 16.48
C SER A 44 -11.99 -13.50 15.10
N GLU A 45 -12.60 -12.45 14.54
CA GLU A 45 -12.21 -11.99 13.21
C GLU A 45 -10.82 -11.41 13.20
N ARG A 46 -10.45 -10.67 14.24
CA ARG A 46 -9.09 -10.13 14.32
C ARG A 46 -8.07 -11.27 14.44
N ASP A 47 -8.36 -12.28 15.26
CA ASP A 47 -7.45 -13.41 15.39
C ASP A 47 -7.27 -14.13 14.05
N GLN A 48 -8.36 -14.30 13.30
CA GLN A 48 -8.29 -14.99 12.03
C GLN A 48 -7.41 -14.22 11.04
N LEU A 49 -7.62 -12.90 10.95
CA LEU A 49 -6.80 -12.07 10.07
C LEU A 49 -5.32 -12.21 10.42
N TYR A 50 -5.00 -12.13 11.72
CA TYR A 50 -3.62 -12.25 12.15
C TYR A 50 -3.03 -13.58 11.72
N TYR A 51 -3.77 -14.66 11.96
CA TYR A 51 -3.34 -15.98 11.53
C TYR A 51 -3.15 -16.03 10.01
N GLU A 52 -4.08 -15.45 9.26
CA GLU A 52 -3.97 -15.50 7.80
C GLU A 52 -2.74 -14.72 7.33
N CYS A 53 -2.48 -13.57 7.94
CA CYS A 53 -1.33 -12.76 7.56
C CYS A 53 -0.02 -13.53 7.71
N TYR A 54 0.20 -14.10 8.90
CA TYR A 54 1.48 -14.74 9.17
C TYR A 54 1.55 -16.18 8.67
N SER A 55 0.42 -16.74 8.23
CA SER A 55 0.43 -17.97 7.46
C SER A 55 0.75 -17.77 6.00
N ASP A 56 0.91 -16.52 5.57
CA ASP A 56 1.16 -16.17 4.17
C ASP A 56 2.60 -15.70 4.03
N VAL A 57 3.14 -15.83 2.81
CA VAL A 57 4.57 -15.65 2.61
C VAL A 57 4.98 -14.17 2.67
N SER A 58 4.06 -13.25 2.33
CA SER A 58 4.48 -11.89 2.03
C SER A 58 5.11 -11.19 3.23
N VAL A 59 4.51 -11.33 4.41
CA VAL A 59 5.04 -10.63 5.59
C VAL A 59 6.42 -11.19 5.96
N HIS A 60 6.63 -12.49 5.80
CA HIS A 60 7.93 -13.07 6.12
C HIS A 60 8.98 -12.69 5.09
N GLU A 61 8.60 -12.56 3.82
CA GLU A 61 9.50 -12.00 2.83
C GLU A 61 9.92 -10.59 3.21
N GLU A 62 8.96 -9.77 3.66
CA GLU A 62 9.27 -8.39 4.03
C GLU A 62 10.25 -8.34 5.20
N MET A 63 10.02 -9.15 6.22
CA MET A 63 10.86 -9.11 7.41
C MET A 63 12.27 -9.57 7.10
N ILE A 64 12.41 -10.68 6.37
CA ILE A 64 13.74 -11.20 6.03
C ILE A 64 14.44 -10.30 5.03
N ALA A 65 13.69 -9.67 4.12
CA ALA A 65 14.30 -8.74 3.19
C ALA A 65 14.77 -7.47 3.88
N ASP A 66 14.27 -7.20 5.09
CA ASP A 66 14.73 -6.06 5.85
C ASP A 66 16.12 -6.37 6.38
N GLN A 67 17.12 -5.94 5.63
CA GLN A 67 18.49 -6.35 5.90
C GLN A 67 19.00 -5.73 7.20
N VAL A 68 18.65 -4.48 7.47
CA VAL A 68 19.08 -3.85 8.73
C VAL A 68 18.59 -4.67 9.92
N ARG A 69 17.31 -5.04 9.90
CA ARG A 69 16.70 -5.84 10.94
C ARG A 69 17.39 -7.19 11.08
N THR A 70 17.45 -7.94 9.98
CA THR A 70 17.86 -9.33 10.05
C THR A 70 19.36 -9.44 10.35
N GLU A 71 20.18 -8.55 9.76
CA GLU A 71 21.59 -8.51 10.11
C GLU A 71 21.81 -8.15 11.57
N ALA A 72 21.01 -7.23 12.11
CA ALA A 72 21.18 -6.85 13.51
C ALA A 72 20.93 -8.03 14.43
N TYR A 73 19.91 -8.84 14.13
CA TYR A 73 19.65 -10.01 14.94
C TYR A 73 20.76 -11.06 14.76
N ARG A 74 21.20 -11.29 13.53
CA ARG A 74 22.28 -12.26 13.34
C ARG A 74 23.51 -11.86 14.16
N LEU A 75 23.97 -10.62 14.00
CA LEU A 75 25.16 -10.18 14.73
C LEU A 75 24.90 -10.12 16.23
N GLY A 76 23.74 -9.60 16.63
CA GLY A 76 23.44 -9.51 18.05
C GLY A 76 23.39 -10.87 18.72
N ILE A 77 22.90 -11.88 18.00
CA ILE A 77 22.89 -13.24 18.54
C ILE A 77 24.30 -13.79 18.59
N LEU A 78 25.01 -13.76 17.45
CA LEU A 78 26.37 -14.29 17.39
C LEU A 78 27.29 -13.63 18.40
N LYS A 79 27.09 -12.33 18.67
CA LYS A 79 27.92 -11.65 19.65
C LYS A 79 27.69 -12.18 21.06
N ASN A 80 26.60 -12.90 21.30
CA ASN A 80 26.32 -13.48 22.60
C ASN A 80 26.67 -14.97 22.65
N TRP A 81 27.59 -15.42 21.80
CA TRP A 81 27.99 -16.83 21.79
C TRP A 81 28.41 -17.32 23.17
N ALA A 82 29.12 -16.48 23.93
CA ALA A 82 29.60 -16.93 25.22
C ALA A 82 28.45 -17.20 26.19
N ALA A 83 27.37 -16.43 26.10
CA ALA A 83 26.19 -16.68 26.90
C ALA A 83 25.29 -17.76 26.33
N LEU A 84 25.43 -18.09 25.05
CA LEU A 84 24.54 -19.04 24.40
C LEU A 84 25.15 -20.43 24.21
N ARG A 85 26.48 -20.56 24.24
CA ARG A 85 27.10 -21.84 23.96
C ARG A 85 26.66 -22.88 24.97
N GLY A 86 26.16 -24.01 24.47
CA GLY A 86 25.72 -25.09 25.34
C GLY A 86 24.46 -24.83 26.12
N LYS A 87 23.73 -23.75 25.81
CA LYS A 87 22.55 -23.35 26.56
C LYS A 87 21.28 -23.56 25.74
N THR A 88 20.14 -23.32 26.36
CA THR A 88 18.85 -23.50 25.72
C THR A 88 18.20 -22.15 25.46
N VAL A 89 17.44 -22.09 24.37
CA VAL A 89 16.86 -20.85 23.87
C VAL A 89 15.41 -21.10 23.50
N LEU A 90 14.55 -20.13 23.82
CA LEU A 90 13.18 -20.08 23.35
C LEU A 90 13.03 -18.91 22.39
N ASP A 91 12.62 -19.21 21.17
CA ASP A 91 12.38 -18.19 20.14
C ASP A 91 10.87 -17.96 20.11
N VAL A 92 10.44 -16.81 20.61
CA VAL A 92 9.01 -16.51 20.72
C VAL A 92 8.52 -15.94 19.39
N GLY A 93 7.64 -16.69 18.72
CA GLY A 93 7.12 -16.29 17.43
C GLY A 93 8.13 -16.49 16.32
N ALA A 94 8.53 -17.74 16.12
CA ALA A 94 9.73 -18.03 15.34
C ALA A 94 9.55 -17.83 13.84
N GLY A 95 8.31 -17.78 13.35
CA GLY A 95 8.10 -17.55 11.93
C GLY A 95 8.65 -18.68 11.09
N THR A 96 9.56 -18.33 10.19
CA THR A 96 10.23 -19.30 9.33
C THR A 96 11.40 -19.99 10.02
N GLY A 97 11.74 -19.57 11.23
CA GLY A 97 12.77 -20.21 12.02
C GLY A 97 14.17 -19.63 11.87
N ILE A 98 14.34 -18.54 11.14
CA ILE A 98 15.69 -18.08 10.82
C ILE A 98 16.42 -17.62 12.07
N LEU A 99 15.71 -16.99 13.02
CA LEU A 99 16.39 -16.54 14.24
C LEU A 99 16.78 -17.71 15.12
N SER A 100 15.96 -18.77 15.14
CA SER A 100 16.32 -19.94 15.92
C SER A 100 17.58 -20.59 15.36
N ILE A 101 17.71 -20.60 14.04
CA ILE A 101 18.92 -21.13 13.41
C ILE A 101 20.12 -20.26 13.72
N PHE A 102 19.96 -18.94 13.70
CA PHE A 102 21.05 -18.07 14.16
C PHE A 102 21.54 -18.49 15.55
N CYS A 103 20.60 -18.87 16.43
CA CYS A 103 20.98 -19.25 17.78
C CYS A 103 21.74 -20.57 17.79
N ALA A 104 21.33 -21.53 16.97
CA ALA A 104 22.09 -22.77 16.83
C ALA A 104 23.49 -22.48 16.29
N GLN A 105 23.59 -21.60 15.30
CA GLN A 105 24.89 -21.25 14.74
C GLN A 105 25.78 -20.55 15.77
N ALA A 106 25.17 -19.88 16.76
CA ALA A 106 25.94 -19.27 17.85
C ALA A 106 26.36 -20.26 18.92
N GLY A 107 25.95 -21.53 18.81
CA GLY A 107 26.38 -22.56 19.74
C GLY A 107 25.33 -23.07 20.72
N ALA A 108 24.08 -22.66 20.59
CA ALA A 108 23.04 -23.15 21.50
C ALA A 108 22.90 -24.65 21.38
N ARG A 109 22.67 -25.29 22.53
CA ARG A 109 22.50 -26.74 22.59
C ARG A 109 21.11 -27.15 22.12
N ARG A 110 20.11 -26.34 22.44
CA ARG A 110 18.73 -26.64 22.08
C ARG A 110 17.99 -25.32 21.91
N VAL A 111 17.18 -25.24 20.86
CA VAL A 111 16.35 -24.07 20.59
C VAL A 111 14.91 -24.53 20.39
N TYR A 112 13.99 -23.92 21.12
CA TYR A 112 12.57 -24.18 20.94
C TYR A 112 11.98 -23.03 20.13
N ALA A 113 11.53 -23.34 18.92
CA ALA A 113 11.04 -22.34 17.98
C ALA A 113 9.51 -22.43 17.97
N VAL A 114 8.87 -21.52 18.69
CA VAL A 114 7.42 -21.57 18.92
C VAL A 114 6.75 -20.59 17.98
N GLU A 115 5.78 -21.08 17.22
CA GLU A 115 5.14 -20.30 16.16
C GLU A 115 3.67 -20.70 16.07
N ALA A 116 2.79 -19.70 16.17
CA ALA A 116 1.35 -19.97 16.29
C ALA A 116 0.66 -20.15 14.95
N SER A 117 1.15 -19.54 13.88
CA SER A 117 0.48 -19.59 12.60
C SER A 117 0.96 -20.78 11.77
N ALA A 118 0.32 -20.99 10.61
CA ALA A 118 0.61 -22.16 9.79
C ALA A 118 2.04 -22.15 9.28
N ILE A 119 2.74 -21.00 9.35
CA ILE A 119 4.13 -20.94 8.91
C ILE A 119 5.03 -21.90 9.70
N TRP A 120 4.56 -22.42 10.84
CA TRP A 120 5.40 -23.37 11.59
C TRP A 120 5.76 -24.59 10.75
N GLN A 121 4.89 -24.98 9.80
CA GLN A 121 5.23 -26.13 8.97
C GLN A 121 6.34 -25.79 7.99
N GLN A 122 6.38 -24.55 7.50
CA GLN A 122 7.51 -24.10 6.70
C GLN A 122 8.79 -24.04 7.52
N ALA A 123 8.70 -23.56 8.77
CA ALA A 123 9.88 -23.51 9.62
C ALA A 123 10.43 -24.90 9.89
N ARG A 124 9.55 -25.87 10.09
CA ARG A 124 10.01 -27.25 10.27
C ARG A 124 10.82 -27.71 9.07
N GLU A 125 10.37 -27.39 7.86
CA GLU A 125 11.10 -27.78 6.66
C GLU A 125 12.44 -27.07 6.57
N VAL A 126 12.46 -25.78 6.93
CA VAL A 126 13.71 -25.01 6.86
C VAL A 126 14.73 -25.60 7.84
N VAL A 127 14.29 -25.91 9.05
CA VAL A 127 15.20 -26.44 10.06
C VAL A 127 15.77 -27.77 9.59
N ARG A 128 14.91 -28.65 9.09
CA ARG A 128 15.36 -29.93 8.54
C ARG A 128 16.33 -29.71 7.37
N LEU A 129 16.01 -28.78 6.48
CA LEU A 129 16.85 -28.52 5.32
C LEU A 129 18.29 -28.18 5.73
N ASN A 130 18.45 -27.48 6.85
CA ASN A 130 19.75 -27.06 7.33
C ASN A 130 20.40 -28.07 8.27
N GLY A 131 19.78 -29.24 8.44
CA GLY A 131 20.35 -30.28 9.27
C GLY A 131 20.30 -30.01 10.77
N LEU A 132 19.29 -29.28 11.24
CA LEU A 132 19.29 -28.76 12.61
C LEU A 132 18.13 -29.26 13.46
N GLU A 133 17.28 -30.16 12.94
CA GLU A 133 16.09 -30.54 13.67
C GLU A 133 16.38 -31.35 14.92
N ASP A 134 17.59 -31.87 15.10
CA ASP A 134 17.80 -32.62 16.33
C ASP A 134 18.13 -31.73 17.51
N ARG A 135 18.24 -30.41 17.33
CA ARG A 135 18.35 -29.52 18.46
C ARG A 135 17.65 -28.17 18.28
N VAL A 136 17.10 -27.88 17.10
CA VAL A 136 16.13 -26.80 16.94
C VAL A 136 14.78 -27.46 16.73
N HIS A 137 13.87 -27.26 17.69
CA HIS A 137 12.59 -27.95 17.74
C HIS A 137 11.49 -26.94 17.46
N VAL A 138 10.88 -27.03 16.28
CA VAL A 138 9.76 -26.15 15.93
C VAL A 138 8.51 -26.71 16.61
N LEU A 139 7.85 -25.85 17.40
CA LEU A 139 6.67 -26.24 18.15
C LEU A 139 5.51 -25.35 17.75
N PRO A 140 4.40 -25.90 17.25
CA PRO A 140 3.28 -25.06 16.83
C PRO A 140 2.48 -24.56 18.02
N GLY A 141 1.84 -23.42 17.82
CA GLY A 141 0.87 -22.92 18.78
C GLY A 141 1.33 -21.66 19.49
N PRO A 142 0.43 -21.07 20.28
CA PRO A 142 0.82 -19.90 21.07
C PRO A 142 1.83 -20.26 22.14
N VAL A 143 2.81 -19.38 22.35
CA VAL A 143 3.78 -19.59 23.42
C VAL A 143 3.09 -19.64 24.78
N GLU A 144 1.91 -19.04 24.88
CA GLU A 144 1.19 -19.04 26.15
C GLU A 144 0.71 -20.43 26.56
N THR A 145 0.60 -21.39 25.65
CA THR A 145 0.16 -22.73 26.01
C THR A 145 1.13 -23.84 25.60
N VAL A 146 2.29 -23.49 25.03
CA VAL A 146 3.29 -24.50 24.70
C VAL A 146 3.85 -25.13 25.96
N GLU A 147 4.32 -26.38 25.83
CA GLU A 147 4.98 -27.10 26.92
C GLU A 147 6.44 -27.35 26.54
N LEU A 148 7.35 -26.81 27.32
CA LEU A 148 8.76 -27.13 27.21
C LEU A 148 9.16 -28.08 28.32
N PRO A 149 10.25 -28.83 28.12
CA PRO A 149 10.66 -29.79 29.17
C PRO A 149 11.30 -29.14 30.38
N GLU A 150 11.75 -27.89 30.27
CA GLU A 150 12.48 -27.22 31.33
C GLU A 150 12.47 -25.73 31.03
N ARG A 151 12.77 -24.92 32.05
CA ARG A 151 13.01 -23.51 31.80
C ARG A 151 14.27 -23.33 30.96
N VAL A 152 14.31 -22.24 30.20
CA VAL A 152 15.37 -22.02 29.22
C VAL A 152 16.34 -20.96 29.73
N ASP A 153 17.54 -20.96 29.14
CA ASP A 153 18.59 -20.02 29.51
C ASP A 153 18.42 -18.65 28.86
N ALA A 154 17.72 -18.57 27.72
CA ALA A 154 17.60 -17.33 26.97
C ALA A 154 16.33 -17.33 26.15
N ILE A 155 15.81 -16.13 25.92
CA ILE A 155 14.71 -15.92 24.99
C ILE A 155 15.18 -14.95 23.90
N VAL A 156 14.84 -15.27 22.67
CA VAL A 156 15.06 -14.38 21.53
C VAL A 156 13.70 -14.14 20.88
N SER A 157 13.48 -12.92 20.41
CA SER A 157 12.24 -12.61 19.71
C SER A 157 12.38 -11.31 18.95
N GLU A 158 11.82 -11.27 17.74
CA GLU A 158 11.62 -10.03 17.00
C GLU A 158 10.12 -9.75 17.07
N TRP A 159 9.76 -8.89 18.01
CA TRP A 159 8.39 -8.65 18.43
C TRP A 159 7.91 -7.24 18.13
N MET A 160 8.80 -6.37 17.65
CA MET A 160 8.49 -4.95 17.53
C MET A 160 7.55 -4.70 16.35
N GLY A 161 6.59 -3.80 16.56
CA GLY A 161 5.70 -3.35 15.52
C GLY A 161 5.91 -1.88 15.19
N TYR A 162 5.09 -1.40 14.27
CA TYR A 162 5.11 0.03 13.97
C TYR A 162 4.90 0.81 15.26
N GLY A 163 5.60 1.92 15.38
CA GLY A 163 5.57 2.68 16.62
C GLY A 163 5.96 1.85 17.82
N LEU A 164 6.82 0.86 17.59
CA LEU A 164 7.29 -0.12 18.57
C LEU A 164 6.21 -1.09 19.02
N LEU A 165 5.04 -0.60 19.46
CA LEU A 165 4.11 -1.45 20.16
C LEU A 165 2.87 -1.81 19.36
N HIS A 166 2.71 -1.29 18.14
CA HIS A 166 1.62 -1.76 17.31
C HIS A 166 1.76 -3.27 17.09
N GLU A 167 0.64 -3.98 17.16
CA GLU A 167 0.56 -5.45 17.14
C GLU A 167 0.69 -6.06 18.54
N SER A 168 1.30 -5.33 19.49
CA SER A 168 1.25 -5.71 20.91
C SER A 168 1.86 -7.08 21.21
N MET A 169 2.81 -7.53 20.39
CA MET A 169 3.43 -8.84 20.59
C MET A 169 4.31 -8.90 21.84
N LEU A 170 4.72 -7.76 22.36
CA LEU A 170 5.58 -7.77 23.55
C LEU A 170 4.96 -8.57 24.68
N SER A 171 3.63 -8.49 24.85
CA SER A 171 2.99 -9.19 25.97
C SER A 171 3.25 -10.68 25.92
N SER A 172 3.28 -11.26 24.71
CA SER A 172 3.61 -12.68 24.59
C SER A 172 5.04 -12.96 25.00
N VAL A 173 5.96 -12.07 24.63
CA VAL A 173 7.36 -12.25 25.03
C VAL A 173 7.47 -12.21 26.55
N LEU A 174 6.77 -11.26 27.18
CA LEU A 174 6.85 -11.13 28.63
C LEU A 174 6.18 -12.32 29.32
N HIS A 175 5.10 -12.83 28.74
CA HIS A 175 4.46 -14.04 29.27
C HIS A 175 5.44 -15.21 29.24
N ALA A 176 6.16 -15.36 28.13
CA ALA A 176 7.15 -16.42 28.00
C ALA A 176 8.29 -16.22 29.00
N ARG A 177 8.73 -14.97 29.18
CA ARG A 177 9.78 -14.68 30.17
C ARG A 177 9.36 -15.14 31.56
N THR A 178 8.15 -14.76 31.99
CA THR A 178 7.70 -15.12 33.32
C THR A 178 7.58 -16.63 33.47
N LYS A 179 7.07 -17.30 32.44
CA LYS A 179 6.70 -18.70 32.54
C LYS A 179 7.85 -19.65 32.25
N TRP A 180 8.77 -19.28 31.36
CA TRP A 180 9.78 -20.22 30.87
C TRP A 180 11.22 -19.78 31.02
N LEU A 181 11.51 -18.50 31.27
CA LEU A 181 12.90 -18.08 31.38
C LEU A 181 13.42 -18.38 32.78
N LYS A 182 14.61 -18.96 32.84
CA LYS A 182 15.25 -19.20 34.13
C LYS A 182 15.49 -17.89 34.85
N GLU A 183 15.53 -17.95 36.17
CA GLU A 183 15.97 -16.80 36.95
C GLU A 183 17.31 -16.31 36.44
N GLY A 184 17.41 -15.00 36.23
CA GLY A 184 18.63 -14.41 35.74
C GLY A 184 18.98 -14.76 34.30
N GLY A 185 18.00 -15.21 33.51
CA GLY A 185 18.24 -15.57 32.13
C GLY A 185 18.45 -14.36 31.23
N LEU A 186 18.72 -14.66 29.96
CA LEU A 186 19.10 -13.68 28.96
C LEU A 186 17.92 -13.39 28.03
N LEU A 187 17.74 -12.10 27.69
CA LEU A 187 16.74 -11.68 26.72
C LEU A 187 17.43 -10.99 25.54
N LEU A 188 17.04 -11.36 24.33
CA LEU A 188 17.64 -10.83 23.11
C LEU A 188 16.54 -10.35 22.18
N PRO A 189 16.42 -9.04 21.91
CA PRO A 189 17.16 -7.94 22.54
C PRO A 189 16.73 -7.79 23.99
N ALA A 190 17.50 -6.99 24.75
CA ALA A 190 17.25 -6.84 26.18
C ALA A 190 16.40 -5.63 26.51
N SER A 191 16.35 -4.62 25.64
CA SER A 191 15.62 -3.41 25.95
C SER A 191 15.22 -2.72 24.65
N ALA A 192 14.25 -1.82 24.77
CA ALA A 192 13.82 -0.97 23.69
C ALA A 192 13.73 0.47 24.20
N GLU A 193 14.04 1.41 23.31
CA GLU A 193 14.03 2.83 23.63
C GLU A 193 13.21 3.57 22.58
N LEU A 194 12.42 4.54 23.04
CA LEU A 194 11.55 5.34 22.20
C LEU A 194 12.07 6.77 22.09
N PHE A 195 12.02 7.30 20.87
CA PHE A 195 12.52 8.64 20.55
C PHE A 195 11.44 9.45 19.87
N VAL A 196 11.50 10.78 20.04
CA VAL A 196 10.61 11.68 19.33
C VAL A 196 11.42 12.86 18.81
N ALA A 197 10.98 13.41 17.67
CA ALA A 197 11.53 14.66 17.20
C ALA A 197 10.43 15.42 16.47
N PRO A 198 10.38 16.74 16.61
CA PRO A 198 9.51 17.54 15.74
C PRO A 198 10.00 17.46 14.30
N ILE A 199 9.06 17.57 13.36
CA ILE A 199 9.37 17.38 11.95
C ILE A 199 8.74 18.46 11.09
N SER A 200 9.44 18.80 10.02
CA SER A 200 8.86 19.49 8.87
C SER A 200 9.02 18.50 7.71
N ASP A 201 7.92 17.82 7.39
CA ASP A 201 7.91 16.69 6.48
C ASP A 201 7.90 17.19 5.03
N GLN A 202 9.01 16.98 4.33
CA GLN A 202 9.15 17.50 2.98
C GLN A 202 8.14 16.88 2.02
N MET A 203 7.80 15.61 2.22
CA MET A 203 6.80 14.97 1.38
C MET A 203 5.43 15.59 1.60
N LEU A 204 5.06 15.81 2.86
CA LEU A 204 3.79 16.46 3.15
C LEU A 204 3.76 17.86 2.56
N GLU A 205 4.86 18.60 2.70
CA GLU A 205 4.95 19.93 2.11
C GLU A 205 4.66 19.87 0.62
N TRP A 206 5.21 18.86 -0.05
CA TRP A 206 4.98 18.70 -1.49
C TRP A 206 3.51 18.42 -1.79
N ARG A 207 2.88 17.58 -0.97
CA ARG A 207 1.47 17.26 -1.20
C ARG A 207 0.58 18.46 -0.91
N LEU A 208 0.90 19.22 0.13
CA LEU A 208 0.09 20.41 0.43
C LEU A 208 0.28 21.48 -0.63
N GLY A 209 1.47 21.60 -1.20
CA GLY A 209 1.76 22.60 -2.20
C GLY A 209 1.44 22.17 -3.61
N PHE A 210 1.03 20.91 -3.78
CA PHE A 210 0.73 20.36 -5.10
C PHE A 210 -0.27 21.22 -5.86
N TRP A 211 -1.35 21.63 -5.18
CA TRP A 211 -2.43 22.33 -5.85
C TRP A 211 -2.01 23.71 -6.34
N SER A 212 -1.13 24.38 -5.60
CA SER A 212 -0.61 25.67 -6.02
C SER A 212 0.35 25.56 -7.19
N GLN A 213 0.85 24.36 -7.49
CA GLN A 213 1.79 24.16 -8.59
C GLN A 213 1.14 23.58 -9.85
N VAL A 214 -0.17 23.30 -9.81
CA VAL A 214 -0.82 22.74 -11.00
C VAL A 214 -0.76 23.72 -12.17
N LYS A 215 -1.01 25.00 -11.90
CA LYS A 215 -1.18 25.94 -13.01
C LYS A 215 0.09 26.05 -13.84
N GLN A 216 1.27 26.04 -13.20
CA GLN A 216 2.47 26.24 -13.99
C GLN A 216 2.70 25.10 -14.96
N HIS A 217 2.06 23.94 -14.76
CA HIS A 217 2.18 22.85 -15.71
C HIS A 217 0.95 22.66 -16.60
N TYR A 218 -0.27 22.85 -16.08
CA TYR A 218 -1.48 22.56 -16.84
C TYR A 218 -2.35 23.77 -17.15
N GLY A 219 -1.99 24.96 -16.69
CA GLY A 219 -2.72 26.16 -17.04
C GLY A 219 -3.98 26.39 -16.25
N VAL A 220 -4.26 25.58 -15.23
CA VAL A 220 -5.45 25.67 -14.40
C VAL A 220 -5.01 26.03 -12.98
N ASP A 221 -5.50 27.15 -12.47
CA ASP A 221 -5.18 27.58 -11.11
C ASP A 221 -5.99 26.75 -10.13
N MET A 222 -5.30 26.00 -9.27
CA MET A 222 -5.98 25.21 -8.24
C MET A 222 -5.46 25.55 -6.85
N SER A 223 -4.86 26.74 -6.70
CA SER A 223 -4.31 27.14 -5.41
C SER A 223 -5.36 27.12 -4.31
N CYS A 224 -6.61 27.41 -4.65
CA CYS A 224 -7.68 27.49 -3.66
C CYS A 224 -7.92 26.18 -2.93
N MET A 225 -7.31 25.08 -3.35
CA MET A 225 -7.55 23.79 -2.72
C MET A 225 -6.59 23.49 -1.59
N GLU A 226 -5.65 24.40 -1.29
CA GLU A 226 -4.62 24.08 -0.30
C GLU A 226 -5.22 23.85 1.09
N SER A 227 -6.19 24.68 1.49
CA SER A 227 -6.84 24.50 2.78
C SER A 227 -7.54 23.15 2.86
N PHE A 228 -8.28 22.80 1.82
CA PHE A 228 -8.93 21.49 1.78
C PHE A 228 -7.91 20.36 1.89
N ALA A 229 -6.80 20.47 1.16
CA ALA A 229 -5.77 19.44 1.22
C ALA A 229 -5.19 19.34 2.62
N THR A 230 -5.01 20.49 3.29
CA THR A 230 -4.46 20.49 4.63
C THR A 230 -5.39 19.78 5.60
N ARG A 231 -6.69 20.08 5.54
CA ARG A 231 -7.66 19.40 6.39
C ARG A 231 -7.62 17.89 6.16
N CYS A 232 -7.58 17.47 4.88
CA CYS A 232 -7.59 16.04 4.58
C CYS A 232 -6.32 15.35 5.07
N LEU A 233 -5.16 15.97 4.84
CA LEU A 233 -3.90 15.29 5.08
C LEU A 233 -3.40 15.44 6.51
N MET A 234 -3.87 16.46 7.23
CA MET A 234 -3.39 16.73 8.59
C MET A 234 -4.48 16.72 9.65
N GLY A 235 -5.73 17.04 9.30
CA GLY A 235 -6.80 17.14 10.28
C GLY A 235 -7.29 15.80 10.84
N HIS A 236 -6.87 14.68 10.26
CA HIS A 236 -7.25 13.37 10.76
C HIS A 236 -6.50 13.05 12.06
N SER A 237 -6.88 11.95 12.69
CA SER A 237 -6.26 11.47 13.92
C SER A 237 -5.64 10.09 13.75
N GLU A 238 -5.12 9.80 12.57
CA GLU A 238 -4.46 8.54 12.30
C GLU A 238 -2.95 8.69 12.44
N ILE A 239 -2.31 7.67 12.99
CA ILE A 239 -0.86 7.58 12.93
C ILE A 239 -0.47 7.19 11.51
N VAL A 240 0.45 7.95 10.94
CA VAL A 240 0.91 7.75 9.57
C VAL A 240 2.28 7.10 9.62
N VAL A 241 2.42 5.96 8.95
CA VAL A 241 3.71 5.26 8.87
C VAL A 241 4.37 5.67 7.55
N GLN A 242 5.49 6.38 7.67
CA GLN A 242 6.17 6.92 6.50
C GLN A 242 7.66 7.04 6.82
N ASP A 243 8.47 6.92 5.77
CA ASP A 243 9.91 7.11 5.85
C ASP A 243 10.24 8.59 5.81
N LEU A 244 10.96 9.06 6.82
CA LEU A 244 11.52 10.41 6.84
C LEU A 244 13.03 10.33 6.64
N SER A 245 13.62 11.48 6.34
CA SER A 245 15.07 11.63 6.28
C SER A 245 15.49 12.67 7.32
N GLY A 246 16.80 12.73 7.56
CA GLY A 246 17.33 13.70 8.50
C GLY A 246 16.93 15.13 8.17
N GLU A 247 16.66 15.40 6.89
CA GLU A 247 16.27 16.74 6.50
C GLU A 247 14.95 17.16 7.15
N ASP A 248 14.08 16.19 7.42
CA ASP A 248 12.77 16.47 8.03
C ASP A 248 12.85 16.76 9.51
N VAL A 249 13.99 16.51 10.14
CA VAL A 249 14.11 16.59 11.59
C VAL A 249 14.37 18.04 11.99
N LEU A 250 13.48 18.60 12.81
CA LEU A 250 13.49 20.02 13.13
C LEU A 250 14.25 20.35 14.42
N ALA A 251 14.59 19.33 15.22
CA ALA A 251 15.30 19.55 16.47
C ALA A 251 15.97 18.23 16.86
N ARG A 252 16.91 18.33 17.80
CA ARG A 252 17.62 17.14 18.25
C ARG A 252 16.62 16.11 18.76
N PRO A 253 16.66 14.87 18.25
CA PRO A 253 15.75 13.84 18.77
C PRO A 253 15.90 13.64 20.27
N GLN A 254 14.78 13.31 20.92
CA GLN A 254 14.72 13.17 22.37
C GLN A 254 14.25 11.76 22.72
N ARG A 255 15.03 11.07 23.55
CA ARG A 255 14.56 9.81 24.10
C ARG A 255 13.52 10.07 25.18
N PHE A 256 12.36 9.41 25.09
CA PHE A 256 11.31 9.67 26.06
C PHE A 256 10.79 8.44 26.79
N ALA A 257 11.20 7.24 26.42
CA ALA A 257 10.87 6.07 27.23
C ALA A 257 11.90 4.98 27.01
N GLN A 258 12.02 4.09 27.99
CA GLN A 258 12.86 2.91 27.87
C GLN A 258 12.14 1.72 28.49
N LEU A 259 12.15 0.59 27.76
CA LEU A 259 11.52 -0.64 28.21
C LEU A 259 12.62 -1.67 28.46
N GLU A 260 12.77 -2.07 29.71
CA GLU A 260 13.71 -3.10 30.12
C GLU A 260 12.93 -4.41 30.22
N LEU A 261 13.15 -5.32 29.27
CA LEU A 261 12.28 -6.48 29.17
C LEU A 261 12.39 -7.39 30.39
N ALA A 262 13.50 -7.33 31.12
CA ALA A 262 13.63 -8.13 32.34
C ALA A 262 12.81 -7.57 33.49
N ARG A 263 12.41 -6.31 33.45
CA ARG A 263 11.68 -5.71 34.55
C ARG A 263 10.36 -6.45 34.77
N ALA A 264 10.23 -7.08 35.93
CA ALA A 264 8.90 -7.50 36.35
C ALA A 264 8.05 -6.26 36.56
N GLY A 265 6.79 -6.33 36.14
CA GLY A 265 5.95 -5.15 36.16
C GLY A 265 5.93 -4.37 34.87
N LEU A 266 6.72 -4.76 33.88
CA LEU A 266 6.64 -4.11 32.57
C LEU A 266 5.29 -4.36 31.92
N GLU A 267 4.73 -5.56 32.11
CA GLU A 267 3.44 -5.86 31.49
C GLU A 267 2.36 -4.90 31.99
N GLN A 268 2.44 -4.50 33.26
CA GLN A 268 1.47 -3.57 33.81
C GLN A 268 1.67 -2.16 33.26
N GLU A 269 2.91 -1.78 32.96
CA GLU A 269 3.15 -0.48 32.34
C GLU A 269 2.55 -0.42 30.93
N LEU A 270 2.52 -1.55 30.22
CA LEU A 270 1.96 -1.55 28.87
C LEU A 270 0.49 -1.16 28.89
N GLU A 271 -0.30 -1.71 29.81
CA GLU A 271 -1.72 -1.38 29.81
C GLU A 271 -1.95 0.04 30.32
N ALA A 272 -1.19 0.47 31.33
CA ALA A 272 -1.35 1.82 31.85
C ALA A 272 -0.87 2.87 30.86
N GLY A 273 0.07 2.52 29.99
CA GLY A 273 0.65 3.47 29.05
C GLY A 273 2.15 3.56 29.21
N VAL A 274 2.84 3.47 28.08
CA VAL A 274 4.29 3.65 28.01
C VAL A 274 4.56 5.01 27.40
N GLY A 275 5.46 5.76 28.01
CA GLY A 275 5.89 6.99 27.39
C GLY A 275 6.61 7.88 28.38
N GLY A 276 6.66 9.17 28.04
CA GLY A 276 7.35 10.12 28.87
C GLY A 276 7.28 11.50 28.26
N ARG A 277 8.04 12.40 28.86
CA ARG A 277 8.00 13.80 28.51
C ARG A 277 9.25 14.19 27.74
N PHE A 278 9.17 15.32 27.05
CA PHE A 278 10.27 15.76 26.22
C PHE A 278 10.27 17.28 26.10
N ARG A 279 11.44 17.81 25.75
CA ARG A 279 11.61 19.21 25.41
C ARG A 279 12.74 19.32 24.40
N CYS A 280 12.63 20.26 23.46
CA CYS A 280 13.69 20.48 22.50
C CYS A 280 13.59 21.91 21.97
N SER A 281 14.63 22.32 21.23
CA SER A 281 14.70 23.64 20.63
C SER A 281 14.95 23.51 19.13
N CYS A 282 14.17 24.24 18.34
CA CYS A 282 14.19 24.04 16.90
C CYS A 282 15.50 24.51 16.29
N TYR A 283 15.96 23.76 15.27
CA TYR A 283 17.18 24.12 14.55
C TYR A 283 17.04 25.44 13.84
N GLY A 284 15.87 25.70 13.27
CA GLY A 284 15.70 26.89 12.48
C GLY A 284 14.25 27.13 12.14
N SER A 285 14.05 27.99 11.15
CA SER A 285 12.72 28.36 10.73
C SER A 285 12.19 27.35 9.73
N ALA A 286 10.94 26.95 9.92
CA ALA A 286 10.26 26.03 9.01
C ALA A 286 8.86 25.79 9.54
N PRO A 287 7.96 25.24 8.73
CA PRO A 287 6.64 24.87 9.26
C PRO A 287 6.73 23.58 10.06
N LEU A 288 6.33 23.65 11.32
CA LEU A 288 6.18 22.45 12.14
C LEU A 288 4.94 21.69 11.71
N HIS A 289 5.11 20.43 11.31
CA HIS A 289 3.99 19.60 10.92
C HIS A 289 3.55 18.64 12.01
N GLY A 290 4.36 18.46 13.04
CA GLY A 290 4.06 17.48 14.06
C GLY A 290 5.32 16.78 14.51
N PHE A 291 5.21 15.48 14.79
CA PHE A 291 6.27 14.73 15.44
C PHE A 291 6.44 13.37 14.79
N ALA A 292 7.69 12.89 14.78
CA ALA A 292 8.00 11.52 14.42
C ALA A 292 8.42 10.75 15.66
N VAL A 293 7.89 9.54 15.80
CA VAL A 293 8.24 8.62 16.87
C VAL A 293 8.92 7.41 16.24
N TRP A 294 10.03 6.99 16.82
CA TRP A 294 10.69 5.77 16.37
C TRP A 294 11.30 5.10 17.59
N PHE A 295 11.95 3.95 17.36
CA PHE A 295 12.49 3.16 18.44
C PHE A 295 13.83 2.57 18.04
N GLN A 296 14.52 2.02 19.04
CA GLN A 296 15.65 1.15 18.82
C GLN A 296 15.55 0.03 19.84
N VAL A 297 16.24 -1.08 19.57
CA VAL A 297 16.39 -2.13 20.55
C VAL A 297 17.87 -2.43 20.71
N THR A 298 18.24 -2.89 21.91
CA THR A 298 19.63 -3.05 22.28
C THR A 298 19.88 -4.50 22.65
N PHE A 299 20.92 -5.07 22.08
CA PHE A 299 21.30 -6.45 22.39
C PHE A 299 22.36 -6.49 23.48
N PRO A 300 22.21 -7.36 24.48
CA PRO A 300 23.23 -7.46 25.53
C PRO A 300 24.52 -8.05 25.00
N GLY A 301 25.47 -8.29 25.91
CA GLY A 301 26.75 -8.86 25.54
C GLY A 301 27.63 -7.85 24.83
N GLY A 302 28.87 -8.24 24.58
CA GLY A 302 29.83 -7.33 23.99
C GLY A 302 30.28 -6.27 24.98
N ASP A 303 30.58 -5.09 24.44
CA ASP A 303 31.00 -3.94 25.25
C ASP A 303 29.87 -3.50 26.17
N SER A 304 30.06 -3.63 27.48
CA SER A 304 29.01 -3.26 28.43
C SER A 304 28.59 -1.80 28.29
N GLU A 305 29.45 -0.95 27.69
CA GLU A 305 29.15 0.46 27.53
C GLU A 305 28.81 0.84 26.09
N LYS A 306 28.93 -0.09 25.14
CA LYS A 306 28.54 0.15 23.75
C LYS A 306 27.90 -1.11 23.21
N PRO A 307 26.64 -1.37 23.54
CA PRO A 307 25.95 -2.55 23.03
C PRO A 307 25.53 -2.36 21.58
N LEU A 308 25.17 -3.48 20.95
CA LEU A 308 24.67 -3.46 19.58
C LEU A 308 23.24 -2.95 19.55
N VAL A 309 22.97 -1.98 18.67
CA VAL A 309 21.70 -1.29 18.62
C VAL A 309 21.10 -1.46 17.22
N LEU A 310 19.82 -1.82 17.18
CA LEU A 310 19.02 -1.82 15.96
C LEU A 310 18.11 -0.59 16.03
N SER A 311 18.37 0.38 15.17
CA SER A 311 17.67 1.66 15.20
C SER A 311 16.74 1.79 14.01
N THR A 312 15.60 2.43 14.23
CA THR A 312 14.69 2.81 13.15
C THR A 312 14.63 4.32 12.98
N SER A 313 15.68 5.02 13.39
CA SER A 313 15.71 6.48 13.31
C SER A 313 15.76 6.94 11.85
N PRO A 314 15.18 8.11 11.54
CA PRO A 314 15.36 8.66 10.19
C PRO A 314 16.79 9.05 9.89
N LEU A 315 17.64 9.15 10.90
CA LEU A 315 19.04 9.46 10.71
C LEU A 315 19.88 8.22 10.41
N HIS A 316 19.28 7.04 10.45
CA HIS A 316 19.98 5.79 10.22
C HIS A 316 19.35 5.04 9.06
N PRO A 317 20.01 3.99 8.54
CA PRO A 317 19.51 3.30 7.36
C PRO A 317 18.06 2.83 7.53
N ALA A 318 17.34 2.86 6.41
CA ALA A 318 15.91 2.59 6.41
C ALA A 318 15.63 1.15 6.84
N THR A 319 14.46 0.97 7.46
CA THR A 319 13.91 -0.34 7.81
C THR A 319 12.46 -0.37 7.39
N HIS A 320 11.85 -1.55 7.48
CA HIS A 320 10.46 -1.68 7.11
C HIS A 320 9.54 -1.01 8.12
N TRP A 321 10.05 -0.68 9.32
CA TRP A 321 9.23 -0.01 10.33
C TRP A 321 9.04 1.47 10.04
N LYS A 322 9.93 2.06 9.22
CA LYS A 322 9.86 3.48 8.87
C LYS A 322 9.79 4.28 10.17
N GLN A 323 8.92 5.28 10.22
CA GLN A 323 8.67 6.01 11.46
C GLN A 323 7.18 6.25 11.58
N ALA A 324 6.74 6.53 12.81
CA ALA A 324 5.35 6.82 13.10
C ALA A 324 5.17 8.32 13.21
N LEU A 325 4.37 8.89 12.31
CA LEU A 325 4.22 10.34 12.21
C LEU A 325 2.91 10.78 12.86
N LEU A 326 3.00 11.82 13.69
CA LEU A 326 1.86 12.39 14.38
C LEU A 326 1.70 13.83 13.89
N TYR A 327 0.76 14.04 12.96
CA TYR A 327 0.56 15.35 12.37
C TYR A 327 -0.34 16.21 13.22
N LEU A 328 0.05 17.47 13.40
CA LEU A 328 -0.86 18.46 13.95
C LEU A 328 -1.97 18.77 12.96
N ASN A 329 -3.02 19.45 13.43
CA ASN A 329 -4.16 19.71 12.56
C ASN A 329 -3.79 20.63 11.40
N GLU A 330 -2.81 21.51 11.58
CA GLU A 330 -2.32 22.35 10.50
C GLU A 330 -0.90 22.74 10.83
N PRO A 331 -0.12 23.17 9.83
CA PRO A 331 1.26 23.58 10.10
C PRO A 331 1.33 24.76 11.05
N VAL A 332 2.38 24.77 11.86
CA VAL A 332 2.64 25.84 12.83
C VAL A 332 4.01 26.43 12.52
N PRO A 333 4.11 27.71 12.18
CA PRO A 333 5.44 28.30 11.94
C PRO A 333 6.26 28.35 13.22
N VAL A 334 7.52 27.96 13.10
CA VAL A 334 8.47 28.05 14.21
C VAL A 334 9.75 28.70 13.71
N GLU A 335 10.57 29.15 14.66
CA GLU A 335 11.83 29.82 14.37
C GLU A 335 12.96 29.09 15.09
N GLN A 336 14.19 29.43 14.71
CA GLN A 336 15.34 28.91 15.44
C GLN A 336 15.15 29.18 16.93
N ASP A 337 15.40 28.15 17.73
CA ASP A 337 15.35 28.20 19.20
C ASP A 337 13.92 28.25 19.74
N THR A 338 12.90 28.11 18.89
CA THR A 338 11.57 27.86 19.39
C THR A 338 11.59 26.63 20.28
N ASP A 339 11.04 26.75 21.48
CA ASP A 339 10.97 25.63 22.40
C ASP A 339 9.70 24.84 22.18
N ILE A 340 9.83 23.52 22.11
CA ILE A 340 8.71 22.61 21.97
C ILE A 340 8.83 21.54 23.05
N SER A 341 7.77 21.37 23.84
CA SER A 341 7.74 20.40 24.92
C SER A 341 6.43 19.65 24.88
N GLY A 342 6.36 18.56 25.64
CA GLY A 342 5.11 17.84 25.75
C GLY A 342 5.29 16.47 26.34
N GLU A 343 4.29 15.61 26.09
CA GLU A 343 4.29 14.26 26.62
C GLU A 343 3.63 13.34 25.60
N ILE A 344 4.16 12.13 25.49
CA ILE A 344 3.70 11.14 24.54
C ILE A 344 3.44 9.84 25.29
N THR A 345 2.26 9.25 25.08
CA THR A 345 1.88 8.02 25.74
C THR A 345 1.41 7.03 24.70
N LEU A 346 2.01 5.84 24.70
CA LEU A 346 1.61 4.75 23.82
C LEU A 346 0.72 3.79 24.60
N LEU A 347 -0.47 3.53 24.06
CA LEU A 347 -1.48 2.74 24.75
C LEU A 347 -2.09 1.75 23.76
N PRO A 348 -2.60 0.63 24.24
CA PRO A 348 -3.44 -0.22 23.39
C PRO A 348 -4.81 0.42 23.20
N SER A 349 -5.37 0.23 22.01
CA SER A 349 -6.69 0.79 21.76
C SER A 349 -7.73 0.07 22.60
N PRO A 350 -8.74 0.78 23.11
CA PRO A 350 -9.77 0.10 23.92
C PRO A 350 -10.61 -0.88 23.11
N ASP A 351 -10.84 -0.62 21.83
CA ASP A 351 -11.59 -1.54 20.99
C ASP A 351 -10.76 -2.73 20.55
N ASN A 352 -9.43 -2.62 20.59
CA ASN A 352 -8.56 -3.61 19.99
C ASN A 352 -7.18 -3.54 20.63
N PRO A 353 -6.84 -4.48 21.52
CA PRO A 353 -5.53 -4.40 22.20
C PRO A 353 -4.33 -4.45 21.25
N ARG A 354 -4.49 -4.94 20.02
CA ARG A 354 -3.36 -5.00 19.10
C ARG A 354 -3.13 -3.69 18.36
N ARG A 355 -4.00 -2.70 18.53
CA ARG A 355 -3.99 -1.47 17.74
C ARG A 355 -3.37 -0.35 18.57
N LEU A 356 -2.27 0.20 18.08
CA LEU A 356 -1.57 1.24 18.81
C LEU A 356 -2.38 2.54 18.85
N ARG A 357 -2.44 3.13 20.03
CA ARG A 357 -3.00 4.46 20.25
C ARG A 357 -1.90 5.34 20.85
N ILE A 358 -1.81 6.59 20.41
CA ILE A 358 -0.83 7.52 20.97
C ILE A 358 -1.54 8.80 21.39
N LEU A 359 -1.38 9.16 22.66
CA LEU A 359 -1.86 10.42 23.20
C LEU A 359 -0.72 11.41 23.17
N LEU A 360 -0.93 12.53 22.49
CA LEU A 360 0.07 13.59 22.35
C LEU A 360 -0.40 14.83 23.08
N ARG A 361 0.44 15.35 23.97
CA ARG A 361 0.25 16.65 24.59
C ARG A 361 1.48 17.47 24.26
N TYR A 362 1.28 18.73 23.84
CA TYR A 362 2.42 19.48 23.33
C TYR A 362 2.18 20.98 23.49
N LYS A 363 3.29 21.71 23.58
CA LYS A 363 3.29 23.15 23.73
C LYS A 363 4.38 23.71 22.84
N VAL A 364 4.01 24.62 21.94
CA VAL A 364 4.93 25.26 21.00
C VAL A 364 5.10 26.71 21.43
N GLY A 365 6.32 27.07 21.82
CA GLY A 365 6.59 28.45 22.18
C GLY A 365 5.65 28.96 23.25
N ASP A 366 5.02 30.11 22.97
CA ASP A 366 4.09 30.74 23.90
C ASP A 366 2.65 30.31 23.64
N HIS A 367 2.39 29.57 22.58
CA HIS A 367 1.05 29.07 22.33
C HIS A 367 0.58 28.22 23.51
N GLU A 368 -0.73 28.14 23.67
CA GLU A 368 -1.30 27.30 24.72
C GLU A 368 -1.01 25.84 24.44
N GLU A 369 -0.94 25.05 25.51
CA GLU A 369 -0.77 23.62 25.37
C GLU A 369 -1.95 23.02 24.60
N LYS A 370 -1.65 22.04 23.75
CA LYS A 370 -2.67 21.38 22.95
C LYS A 370 -2.50 19.87 23.08
N THR A 371 -3.54 19.15 22.69
CA THR A 371 -3.54 17.69 22.74
C THR A 371 -4.13 17.14 21.45
N LYS A 372 -3.69 15.94 21.08
CA LYS A 372 -4.24 15.22 19.94
C LYS A 372 -4.09 13.73 20.20
N ASP A 373 -5.13 12.98 19.84
CA ASP A 373 -5.28 11.56 20.19
C ASP A 373 -5.28 10.76 18.89
N PHE A 374 -4.21 10.00 18.66
CA PHE A 374 -3.99 9.29 17.40
C PHE A 374 -4.22 7.79 17.59
N ALA A 375 -4.61 7.12 16.49
CA ALA A 375 -4.70 5.67 16.46
C ALA A 375 -4.17 5.16 15.12
N MET A 376 -3.54 3.99 15.16
CA MET A 376 -2.93 3.40 13.97
C MET A 376 -4.00 3.05 12.93
N ASP B 47 -24.43 3.45 -3.76
CA ASP B 47 -23.86 4.56 -4.51
C ASP B 47 -23.20 5.56 -3.57
N GLN B 48 -23.84 5.82 -2.42
CA GLN B 48 -23.32 6.82 -1.49
C GLN B 48 -21.93 6.43 -1.00
N LEU B 49 -21.75 5.17 -0.60
CA LEU B 49 -20.43 4.71 -0.21
C LEU B 49 -19.40 5.04 -1.28
N TYR B 50 -19.74 4.78 -2.55
CA TYR B 50 -18.81 5.03 -3.65
C TYR B 50 -18.45 6.50 -3.73
N TYR B 51 -19.47 7.37 -3.76
CA TYR B 51 -19.20 8.81 -3.90
C TYR B 51 -18.28 9.32 -2.80
N GLU B 52 -18.45 8.82 -1.57
CA GLU B 52 -17.66 9.31 -0.45
C GLU B 52 -16.18 8.96 -0.58
N CYS B 53 -15.82 7.95 -1.37
CA CYS B 53 -14.42 7.66 -1.61
C CYS B 53 -13.72 8.83 -2.29
N TYR B 54 -14.47 9.68 -2.99
CA TYR B 54 -13.92 10.80 -3.74
C TYR B 54 -14.10 12.15 -3.04
N SER B 55 -14.49 12.15 -1.77
CA SER B 55 -14.57 13.40 -1.02
C SER B 55 -13.24 13.79 -0.40
N ASP B 56 -12.23 12.92 -0.47
CA ASP B 56 -10.91 13.18 0.08
C ASP B 56 -9.94 13.58 -1.03
N VAL B 57 -8.94 14.36 -0.66
CA VAL B 57 -8.07 15.00 -1.67
C VAL B 57 -7.19 13.99 -2.37
N SER B 58 -6.84 12.89 -1.70
CA SER B 58 -5.73 12.06 -2.16
C SER B 58 -6.01 11.44 -3.52
N VAL B 59 -7.22 10.95 -3.75
CA VAL B 59 -7.50 10.30 -5.02
C VAL B 59 -7.40 11.29 -6.16
N HIS B 60 -7.81 12.54 -5.92
CA HIS B 60 -7.78 13.55 -6.98
C HIS B 60 -6.35 14.01 -7.25
N GLU B 61 -5.55 14.14 -6.18
CA GLU B 61 -4.12 14.39 -6.35
C GLU B 61 -3.46 13.28 -7.16
N GLU B 62 -3.78 12.01 -6.85
CA GLU B 62 -3.18 10.90 -7.58
C GLU B 62 -3.52 10.96 -9.06
N MET B 63 -4.77 11.26 -9.40
CA MET B 63 -5.16 11.24 -10.81
C MET B 63 -4.51 12.38 -11.57
N ILE B 64 -4.44 13.58 -10.97
CA ILE B 64 -3.79 14.68 -11.69
C ILE B 64 -2.30 14.44 -11.76
N ALA B 65 -1.70 13.83 -10.73
CA ALA B 65 -0.28 13.54 -10.73
C ALA B 65 0.08 12.42 -11.71
N ASP B 66 -0.91 11.68 -12.22
CA ASP B 66 -0.66 10.74 -13.31
C ASP B 66 -0.49 11.56 -14.57
N GLN B 67 0.76 11.86 -14.90
CA GLN B 67 1.03 12.80 -15.98
C GLN B 67 0.60 12.25 -17.33
N VAL B 68 0.82 10.95 -17.57
CA VAL B 68 0.40 10.36 -18.84
C VAL B 68 -1.11 10.49 -19.00
N ARG B 69 -1.86 10.14 -17.95
CA ARG B 69 -3.30 10.27 -17.97
C ARG B 69 -3.72 11.70 -18.27
N THR B 70 -3.20 12.64 -17.48
CA THR B 70 -3.74 13.99 -17.49
C THR B 70 -3.30 14.75 -18.74
N GLU B 71 -2.05 14.59 -19.17
CA GLU B 71 -1.63 15.21 -20.42
C GLU B 71 -2.45 14.67 -21.59
N ALA B 72 -2.78 13.38 -21.57
CA ALA B 72 -3.48 12.77 -22.69
C ALA B 72 -4.91 13.28 -22.77
N TYR B 73 -5.58 13.42 -21.64
CA TYR B 73 -6.91 14.01 -21.62
C TYR B 73 -6.85 15.46 -22.06
N ARG B 74 -5.88 16.20 -21.53
CA ARG B 74 -5.71 17.60 -21.93
C ARG B 74 -5.57 17.71 -23.44
N LEU B 75 -4.67 16.93 -24.03
CA LEU B 75 -4.46 17.01 -25.48
C LEU B 75 -5.65 16.46 -26.25
N GLY B 76 -6.28 15.39 -25.74
CA GLY B 76 -7.45 14.85 -26.44
C GLY B 76 -8.54 15.89 -26.55
N ILE B 77 -8.67 16.73 -25.54
CA ILE B 77 -9.66 17.80 -25.53
C ILE B 77 -9.20 18.95 -26.42
N LEU B 78 -7.98 19.45 -26.21
CA LEU B 78 -7.52 20.62 -26.94
C LEU B 78 -7.37 20.34 -28.43
N LYS B 79 -7.02 19.11 -28.79
CA LYS B 79 -6.94 18.74 -30.20
C LYS B 79 -8.31 18.66 -30.86
N ASN B 80 -9.39 18.66 -30.07
CA ASN B 80 -10.75 18.69 -30.60
C ASN B 80 -11.34 20.09 -30.58
N TRP B 81 -10.49 21.12 -30.64
CA TRP B 81 -10.95 22.51 -30.56
C TRP B 81 -11.93 22.83 -31.69
N ALA B 82 -11.69 22.30 -32.89
CA ALA B 82 -12.59 22.59 -34.01
C ALA B 82 -13.98 22.06 -33.74
N ALA B 83 -14.07 20.86 -33.18
CA ALA B 83 -15.37 20.25 -32.89
C ALA B 83 -15.99 20.78 -31.61
N LEU B 84 -15.21 21.41 -30.73
CA LEU B 84 -15.75 21.97 -29.50
C LEU B 84 -16.03 23.46 -29.57
N ARG B 85 -15.45 24.18 -30.53
CA ARG B 85 -15.60 25.62 -30.60
C ARG B 85 -17.07 26.02 -30.66
N GLY B 86 -17.51 26.79 -29.67
CA GLY B 86 -18.86 27.28 -29.63
C GLY B 86 -19.91 26.25 -29.28
N LYS B 87 -19.51 25.10 -28.76
CA LYS B 87 -20.40 24.00 -28.45
C LYS B 87 -20.49 23.80 -26.94
N THR B 88 -21.46 22.97 -26.52
CA THR B 88 -21.69 22.71 -25.11
C THR B 88 -21.22 21.31 -24.73
N VAL B 89 -20.80 21.18 -23.47
CA VAL B 89 -20.14 19.99 -22.96
C VAL B 89 -20.74 19.62 -21.61
N LEU B 90 -20.90 18.33 -21.39
CA LEU B 90 -21.19 17.78 -20.07
C LEU B 90 -19.95 17.01 -19.60
N ASP B 91 -19.41 17.41 -18.46
CA ASP B 91 -18.31 16.70 -17.80
C ASP B 91 -18.90 15.77 -16.75
N VAL B 92 -18.85 14.46 -16.99
CA VAL B 92 -19.48 13.48 -16.12
C VAL B 92 -18.47 13.06 -15.05
N GLY B 93 -18.78 13.40 -13.80
CA GLY B 93 -17.89 13.12 -12.70
C GLY B 93 -16.72 14.08 -12.72
N ALA B 94 -17.04 15.37 -12.64
CA ALA B 94 -16.08 16.42 -12.95
C ALA B 94 -15.01 16.58 -11.87
N GLY B 95 -15.21 16.04 -10.68
CA GLY B 95 -14.18 16.06 -9.67
C GLY B 95 -13.81 17.48 -9.26
N THR B 96 -12.54 17.82 -9.47
CA THR B 96 -12.04 19.15 -9.17
C THR B 96 -12.32 20.16 -10.28
N GLY B 97 -12.82 19.71 -11.42
CA GLY B 97 -13.18 20.58 -12.50
C GLY B 97 -12.12 20.78 -13.56
N ILE B 98 -10.96 20.11 -13.43
CA ILE B 98 -9.84 20.44 -14.30
C ILE B 98 -10.16 20.12 -15.76
N LEU B 99 -10.87 19.03 -16.01
CA LEU B 99 -11.17 18.69 -17.39
C LEU B 99 -12.17 19.64 -18.00
N SER B 100 -13.10 20.15 -17.19
CA SER B 100 -14.06 21.12 -17.70
C SER B 100 -13.36 22.40 -18.13
N ILE B 101 -12.30 22.78 -17.42
CA ILE B 101 -11.57 24.00 -17.75
C ILE B 101 -10.76 23.81 -19.03
N PHE B 102 -10.20 22.62 -19.22
CA PHE B 102 -9.60 22.28 -20.52
C PHE B 102 -10.61 22.45 -21.64
N CYS B 103 -11.87 22.02 -21.42
CA CYS B 103 -12.87 22.15 -22.48
C CYS B 103 -13.13 23.63 -22.78
N ALA B 104 -13.14 24.47 -21.75
CA ALA B 104 -13.27 25.90 -22.00
C ALA B 104 -12.10 26.44 -22.80
N GLN B 105 -10.87 25.99 -22.50
CA GLN B 105 -9.71 26.45 -23.25
C GLN B 105 -9.78 26.01 -24.71
N ALA B 106 -10.39 24.86 -24.97
CA ALA B 106 -10.62 24.36 -26.33
C ALA B 106 -11.68 25.13 -27.08
N GLY B 107 -12.40 26.04 -26.42
CA GLY B 107 -13.37 26.88 -27.10
C GLY B 107 -14.82 26.55 -26.85
N ALA B 108 -15.14 25.64 -25.92
CA ALA B 108 -16.52 25.34 -25.62
C ALA B 108 -17.26 26.59 -25.17
N ARG B 109 -18.49 26.77 -25.65
CA ARG B 109 -19.24 27.93 -25.17
C ARG B 109 -19.83 27.70 -23.78
N ARG B 110 -19.94 26.45 -23.34
CA ARG B 110 -20.51 26.16 -22.03
C ARG B 110 -20.12 24.75 -21.62
N VAL B 111 -19.83 24.58 -20.33
CA VAL B 111 -19.52 23.28 -19.76
C VAL B 111 -20.37 23.09 -18.52
N TYR B 112 -21.14 22.00 -18.48
CA TYR B 112 -21.87 21.59 -17.29
C TYR B 112 -21.05 20.52 -16.60
N ALA B 113 -20.55 20.83 -15.40
CA ALA B 113 -19.65 19.95 -14.66
C ALA B 113 -20.43 19.32 -13.52
N VAL B 114 -20.75 18.05 -13.65
CA VAL B 114 -21.63 17.35 -12.72
C VAL B 114 -20.79 16.44 -11.84
N GLU B 115 -20.99 16.53 -10.52
CA GLU B 115 -20.15 15.81 -9.57
C GLU B 115 -20.98 15.45 -8.35
N ALA B 116 -21.01 14.15 -8.01
CA ALA B 116 -21.87 13.64 -6.97
C ALA B 116 -21.24 13.68 -5.57
N SER B 117 -19.92 13.70 -5.46
CA SER B 117 -19.28 13.78 -4.15
C SER B 117 -19.10 15.22 -3.70
N ALA B 118 -18.73 15.37 -2.43
CA ALA B 118 -18.56 16.68 -1.81
C ALA B 118 -17.48 17.53 -2.50
N ILE B 119 -16.61 16.90 -3.30
CA ILE B 119 -15.57 17.63 -4.00
C ILE B 119 -16.13 18.67 -4.97
N TRP B 120 -17.44 18.64 -5.26
CA TRP B 120 -18.01 19.65 -6.15
C TRP B 120 -17.81 21.05 -5.60
N GLN B 121 -17.77 21.19 -4.28
CA GLN B 121 -17.55 22.51 -3.69
C GLN B 121 -16.17 23.04 -4.04
N GLN B 122 -15.16 22.17 -4.07
CA GLN B 122 -13.83 22.58 -4.49
C GLN B 122 -13.81 22.93 -5.98
N ALA B 123 -14.53 22.14 -6.79
CA ALA B 123 -14.63 22.45 -8.22
C ALA B 123 -15.23 23.82 -8.45
N ARG B 124 -16.29 24.15 -7.70
CA ARG B 124 -16.89 25.47 -7.86
C ARG B 124 -15.87 26.56 -7.61
N GLU B 125 -15.02 26.39 -6.60
CA GLU B 125 -14.03 27.41 -6.26
C GLU B 125 -12.93 27.47 -7.31
N VAL B 126 -12.50 26.32 -7.81
CA VAL B 126 -11.51 26.31 -8.89
C VAL B 126 -12.06 27.05 -10.11
N VAL B 127 -13.31 26.78 -10.50
CA VAL B 127 -13.86 27.46 -11.66
C VAL B 127 -13.90 28.96 -11.42
N ARG B 128 -14.33 29.37 -10.23
CA ARG B 128 -14.38 30.79 -9.91
C ARG B 128 -12.99 31.40 -9.94
N LEU B 129 -12.01 30.71 -9.37
CA LEU B 129 -10.64 31.20 -9.33
C LEU B 129 -10.08 31.44 -10.72
N ASN B 130 -10.49 30.61 -11.69
CA ASN B 130 -10.02 30.72 -13.06
C ASN B 130 -10.88 31.65 -13.91
N GLY B 131 -11.83 32.35 -13.29
CA GLY B 131 -12.64 33.33 -13.99
C GLY B 131 -13.61 32.74 -14.98
N LEU B 132 -14.08 31.51 -14.76
CA LEU B 132 -14.90 30.81 -15.75
C LEU B 132 -16.32 30.53 -15.27
N GLU B 133 -16.75 31.15 -14.19
CA GLU B 133 -18.10 30.91 -13.70
C GLU B 133 -19.19 31.38 -14.68
N ASP B 134 -18.85 32.18 -15.69
CA ASP B 134 -19.85 32.60 -16.67
C ASP B 134 -20.21 31.47 -17.63
N ARG B 135 -19.32 30.49 -17.81
CA ARG B 135 -19.60 29.45 -18.79
C ARG B 135 -19.22 28.04 -18.36
N VAL B 136 -18.71 27.84 -17.14
CA VAL B 136 -18.53 26.51 -16.58
C VAL B 136 -19.34 26.46 -15.30
N HIS B 137 -20.34 25.59 -15.27
CA HIS B 137 -21.32 25.54 -14.19
C HIS B 137 -21.20 24.20 -13.49
N VAL B 138 -20.85 24.24 -12.21
CA VAL B 138 -20.73 23.04 -11.39
C VAL B 138 -22.11 22.72 -10.82
N LEU B 139 -22.61 21.53 -11.10
CA LEU B 139 -23.92 21.08 -10.65
C LEU B 139 -23.74 19.86 -9.76
N PRO B 140 -24.06 19.94 -8.47
CA PRO B 140 -23.84 18.79 -7.59
C PRO B 140 -24.87 17.70 -7.82
N GLY B 141 -24.46 16.47 -7.47
CA GLY B 141 -25.36 15.34 -7.47
C GLY B 141 -25.03 14.33 -8.54
N PRO B 142 -25.77 13.22 -8.55
CA PRO B 142 -25.53 12.19 -9.57
C PRO B 142 -25.95 12.70 -10.94
N VAL B 143 -25.20 12.30 -11.97
CA VAL B 143 -25.56 12.69 -13.32
C VAL B 143 -26.90 12.08 -13.71
N GLU B 144 -27.28 10.96 -13.07
CA GLU B 144 -28.53 10.28 -13.39
C GLU B 144 -29.75 11.10 -13.03
N THR B 145 -29.65 12.04 -12.08
CA THR B 145 -30.79 12.84 -11.67
C THR B 145 -30.59 14.33 -11.86
N VAL B 146 -29.38 14.79 -12.20
CA VAL B 146 -29.16 16.22 -12.41
C VAL B 146 -30.05 16.69 -13.55
N GLU B 147 -30.48 17.95 -13.46
CA GLU B 147 -31.26 18.58 -14.52
C GLU B 147 -30.38 19.60 -15.21
N LEU B 148 -30.06 19.33 -16.49
CA LEU B 148 -29.36 20.32 -17.30
C LEU B 148 -30.35 21.22 -18.01
N PRO B 149 -29.95 22.44 -18.37
CA PRO B 149 -30.85 23.32 -19.13
C PRO B 149 -31.10 22.86 -20.56
N GLU B 150 -30.31 21.92 -21.07
CA GLU B 150 -30.28 21.62 -22.49
C GLU B 150 -29.47 20.34 -22.68
N ARG B 151 -29.76 19.64 -23.77
CA ARG B 151 -28.86 18.59 -24.21
C ARG B 151 -27.56 19.23 -24.72
N VAL B 152 -26.50 18.43 -24.75
CA VAL B 152 -25.16 18.94 -24.99
C VAL B 152 -24.58 18.35 -26.27
N ASP B 153 -23.59 19.05 -26.83
CA ASP B 153 -22.92 18.60 -28.05
C ASP B 153 -21.85 17.56 -27.78
N ALA B 154 -21.37 17.46 -26.55
CA ALA B 154 -20.22 16.63 -26.25
C ALA B 154 -20.28 16.19 -24.79
N ILE B 155 -19.71 15.02 -24.53
CA ILE B 155 -19.46 14.54 -23.17
C ILE B 155 -17.97 14.29 -23.02
N VAL B 156 -17.42 14.70 -21.88
CA VAL B 156 -16.07 14.34 -21.48
C VAL B 156 -16.15 13.63 -20.14
N SER B 157 -15.35 12.59 -19.96
CA SER B 157 -15.32 11.88 -18.70
C SER B 157 -14.09 10.98 -18.64
N GLU B 158 -13.45 10.95 -17.48
CA GLU B 158 -12.44 9.95 -17.17
C GLU B 158 -13.08 8.98 -16.18
N TRP B 159 -13.58 7.87 -16.72
CA TRP B 159 -14.42 6.92 -16.01
C TRP B 159 -13.75 5.58 -15.78
N MET B 160 -12.55 5.39 -16.33
CA MET B 160 -11.92 4.08 -16.35
C MET B 160 -11.35 3.70 -14.98
N GLY B 161 -11.55 2.44 -14.60
CA GLY B 161 -10.97 1.88 -13.40
C GLY B 161 -9.92 0.83 -13.71
N TYR B 162 -9.40 0.23 -12.65
CA TYR B 162 -8.49 -0.90 -12.83
C TYR B 162 -9.17 -1.96 -13.68
N GLY B 163 -8.39 -2.55 -14.60
CA GLY B 163 -8.97 -3.52 -15.50
C GLY B 163 -10.06 -2.93 -16.35
N LEU B 164 -10.01 -1.61 -16.57
CA LEU B 164 -11.00 -0.84 -17.33
C LEU B 164 -12.31 -0.65 -16.56
N LEU B 165 -12.94 -1.75 -16.15
CA LEU B 165 -14.33 -1.70 -15.69
C LEU B 165 -14.49 -1.83 -14.18
N HIS B 166 -13.40 -1.94 -13.41
CA HIS B 166 -13.56 -1.86 -11.97
C HIS B 166 -14.09 -0.47 -11.62
N GLU B 167 -15.02 -0.41 -10.66
CA GLU B 167 -15.80 0.78 -10.30
C GLU B 167 -17.10 0.89 -11.08
N SER B 168 -17.11 0.42 -12.34
CA SER B 168 -18.31 0.40 -13.17
C SER B 168 -18.89 1.80 -13.41
N MET B 169 -18.01 2.82 -13.47
CA MET B 169 -18.45 4.19 -13.72
C MET B 169 -18.94 4.40 -15.15
N LEU B 170 -18.59 3.50 -16.07
CA LEU B 170 -19.06 3.64 -17.44
C LEU B 170 -20.58 3.74 -17.50
N SER B 171 -21.29 2.99 -16.65
CA SER B 171 -22.75 2.98 -16.74
C SER B 171 -23.32 4.37 -16.51
N SER B 172 -22.66 5.18 -15.67
CA SER B 172 -23.12 6.56 -15.46
C SER B 172 -22.85 7.41 -16.70
N VAL B 173 -21.72 7.19 -17.36
CA VAL B 173 -21.45 7.90 -18.61
C VAL B 173 -22.47 7.53 -19.68
N LEU B 174 -22.81 6.25 -19.77
CA LEU B 174 -23.79 5.81 -20.77
C LEU B 174 -25.18 6.37 -20.45
N HIS B 175 -25.53 6.45 -19.18
CA HIS B 175 -26.81 7.02 -18.80
C HIS B 175 -26.88 8.50 -19.20
N ALA B 176 -25.79 9.22 -19.00
CA ALA B 176 -25.72 10.62 -19.42
C ALA B 176 -25.79 10.74 -20.94
N ARG B 177 -25.11 9.85 -21.66
CA ARG B 177 -25.18 9.84 -23.11
C ARG B 177 -26.63 9.72 -23.57
N THR B 178 -27.34 8.71 -23.07
CA THR B 178 -28.72 8.50 -23.49
C THR B 178 -29.60 9.71 -23.17
N LYS B 179 -29.39 10.33 -22.01
CA LYS B 179 -30.31 11.34 -21.53
C LYS B 179 -29.99 12.74 -22.07
N TRP B 180 -28.71 13.06 -22.26
CA TRP B 180 -28.28 14.45 -22.44
C TRP B 180 -27.45 14.72 -23.69
N LEU B 181 -26.90 13.71 -24.35
CA LEU B 181 -26.06 13.95 -25.52
C LEU B 181 -26.92 14.03 -26.77
N LYS B 182 -26.74 15.11 -27.54
CA LYS B 182 -27.42 15.23 -28.81
C LYS B 182 -26.99 14.10 -29.75
N GLU B 183 -27.81 13.87 -30.78
CA GLU B 183 -27.56 12.81 -31.75
C GLU B 183 -26.17 12.93 -32.34
N GLY B 184 -25.41 11.84 -32.28
CA GLY B 184 -24.06 11.82 -32.82
C GLY B 184 -23.08 12.73 -32.10
N GLY B 185 -23.40 13.15 -30.88
CA GLY B 185 -22.53 14.04 -30.15
C GLY B 185 -21.14 13.44 -29.94
N LEU B 186 -20.22 14.33 -29.57
CA LEU B 186 -18.83 14.00 -29.39
C LEU B 186 -18.61 13.35 -28.02
N LEU B 187 -17.93 12.22 -27.98
CA LEU B 187 -17.58 11.55 -26.73
C LEU B 187 -16.06 11.58 -26.54
N LEU B 188 -15.62 12.09 -25.39
CA LEU B 188 -14.20 12.27 -25.09
C LEU B 188 -13.83 11.49 -23.84
N PRO B 189 -13.21 10.30 -23.97
CA PRO B 189 -12.94 9.53 -25.19
C PRO B 189 -14.18 8.85 -25.76
N ALA B 190 -14.07 8.30 -26.96
CA ALA B 190 -15.21 7.73 -27.65
C ALA B 190 -15.25 6.21 -27.63
N SER B 191 -14.14 5.56 -27.34
CA SER B 191 -14.08 4.11 -27.34
C SER B 191 -12.98 3.64 -26.42
N ALA B 192 -13.09 2.38 -26.00
CA ALA B 192 -12.07 1.71 -25.22
C ALA B 192 -11.78 0.38 -25.90
N GLU B 193 -10.51 -0.02 -25.86
CA GLU B 193 -10.07 -1.29 -26.44
C GLU B 193 -9.37 -2.10 -25.35
N LEU B 194 -9.66 -3.39 -25.31
CA LEU B 194 -9.12 -4.29 -24.29
C LEU B 194 -8.11 -5.24 -24.92
N PHE B 195 -6.98 -5.41 -24.25
CA PHE B 195 -5.86 -6.21 -24.75
C PHE B 195 -5.44 -7.24 -23.72
N VAL B 196 -4.94 -8.36 -24.22
CA VAL B 196 -4.38 -9.40 -23.36
C VAL B 196 -3.06 -9.86 -23.95
N ALA B 197 -2.14 -10.25 -23.07
CA ALA B 197 -0.92 -10.89 -23.51
C ALA B 197 -0.48 -11.87 -22.44
N PRO B 198 0.07 -13.03 -22.82
CA PRO B 198 0.71 -13.88 -21.82
C PRO B 198 1.97 -13.21 -21.31
N ILE B 199 2.32 -13.50 -20.06
CA ILE B 199 3.43 -12.82 -19.42
C ILE B 199 4.32 -13.80 -18.68
N SER B 200 5.59 -13.44 -18.59
CA SER B 200 6.54 -13.98 -17.63
C SER B 200 6.99 -12.79 -16.78
N ASP B 201 6.39 -12.67 -15.60
CA ASP B 201 6.53 -11.53 -14.70
C ASP B 201 7.87 -11.59 -13.98
N GLN B 202 8.79 -10.69 -14.33
CA GLN B 202 10.13 -10.73 -13.74
C GLN B 202 10.09 -10.45 -12.24
N MET B 203 9.19 -9.57 -11.79
CA MET B 203 9.08 -9.28 -10.36
C MET B 203 8.59 -10.51 -9.61
N LEU B 204 7.62 -11.24 -10.16
CA LEU B 204 7.16 -12.46 -9.53
C LEU B 204 8.27 -13.49 -9.46
N GLU B 205 9.02 -13.66 -10.55
CA GLU B 205 10.17 -14.57 -10.54
C GLU B 205 11.11 -14.22 -9.39
N TRP B 206 11.39 -12.94 -9.20
CA TRP B 206 12.30 -12.53 -8.15
C TRP B 206 11.75 -12.89 -6.77
N ARG B 207 10.44 -12.71 -6.57
CA ARG B 207 9.84 -13.04 -5.28
C ARG B 207 9.85 -14.53 -5.02
N LEU B 208 9.58 -15.35 -6.04
CA LEU B 208 9.63 -16.79 -5.87
C LEU B 208 11.06 -17.26 -5.64
N GLY B 209 12.03 -16.64 -6.33
CA GLY B 209 13.41 -17.01 -6.16
C GLY B 209 14.06 -16.46 -4.91
N PHE B 210 13.38 -15.55 -4.23
CA PHE B 210 13.92 -14.88 -3.04
C PHE B 210 14.44 -15.89 -2.03
N TRP B 211 13.68 -16.97 -1.82
CA TRP B 211 13.99 -17.89 -0.73
C TRP B 211 15.25 -18.69 -0.98
N SER B 212 15.65 -18.85 -2.24
CA SER B 212 16.90 -19.51 -2.58
C SER B 212 18.10 -18.58 -2.49
N GLN B 213 17.87 -17.28 -2.31
CA GLN B 213 18.94 -16.32 -2.10
C GLN B 213 19.21 -16.05 -0.62
N VAL B 214 18.37 -16.54 0.28
CA VAL B 214 18.58 -16.27 1.70
C VAL B 214 19.92 -16.85 2.15
N LYS B 215 20.31 -18.00 1.61
CA LYS B 215 21.56 -18.62 2.03
C LYS B 215 22.74 -17.69 1.77
N GLN B 216 22.75 -17.01 0.63
CA GLN B 216 23.85 -16.11 0.32
C GLN B 216 23.78 -14.84 1.17
N HIS B 217 22.59 -14.42 1.59
CA HIS B 217 22.45 -13.19 2.37
C HIS B 217 22.76 -13.39 3.85
N TYR B 218 22.33 -14.51 4.43
CA TYR B 218 22.45 -14.70 5.88
C TYR B 218 22.98 -16.07 6.30
N GLY B 219 23.33 -16.94 5.36
CA GLY B 219 23.91 -18.22 5.74
C GLY B 219 22.91 -19.25 6.24
N VAL B 220 21.64 -19.08 5.90
CA VAL B 220 20.58 -20.01 6.24
C VAL B 220 19.91 -20.41 4.94
N ASP B 221 19.79 -21.72 4.70
CA ASP B 221 19.19 -22.21 3.46
C ASP B 221 17.68 -22.21 3.63
N MET B 222 16.96 -21.54 2.71
CA MET B 222 15.50 -21.53 2.78
C MET B 222 14.89 -21.87 1.43
N SER B 223 15.61 -22.62 0.58
CA SER B 223 15.11 -22.92 -0.75
C SER B 223 13.80 -23.70 -0.71
N CYS B 224 13.54 -24.44 0.37
CA CYS B 224 12.33 -25.25 0.45
C CYS B 224 11.07 -24.40 0.51
N MET B 225 11.21 -23.09 0.76
CA MET B 225 10.07 -22.18 0.80
C MET B 225 9.48 -21.87 -0.57
N GLU B 226 10.13 -22.28 -1.66
CA GLU B 226 9.69 -21.80 -2.98
C GLU B 226 8.31 -22.32 -3.34
N SER B 227 8.02 -23.59 -3.07
CA SER B 227 6.70 -24.13 -3.37
C SER B 227 5.62 -23.42 -2.59
N PHE B 228 5.88 -23.14 -1.31
CA PHE B 228 4.94 -22.39 -0.48
C PHE B 228 4.73 -20.99 -1.02
N ALA B 229 5.81 -20.32 -1.41
CA ALA B 229 5.69 -18.98 -1.96
C ALA B 229 4.87 -19.00 -3.25
N THR B 230 5.09 -20.01 -4.08
CA THR B 230 4.34 -20.14 -5.33
C THR B 230 2.84 -20.26 -5.05
N ARG B 231 2.47 -21.15 -4.11
CA ARG B 231 1.07 -21.29 -3.75
C ARG B 231 0.48 -19.98 -3.25
N CYS B 232 1.22 -19.25 -2.42
CA CYS B 232 0.72 -17.99 -1.87
C CYS B 232 0.54 -16.93 -2.94
N LEU B 233 1.53 -16.77 -3.83
CA LEU B 233 1.52 -15.65 -4.75
C LEU B 233 0.76 -15.94 -6.03
N MET B 234 0.58 -17.20 -6.39
CA MET B 234 -0.10 -17.55 -7.64
C MET B 234 -1.38 -18.35 -7.44
N GLY B 235 -1.51 -19.09 -6.32
CA GLY B 235 -2.60 -20.04 -6.16
C GLY B 235 -3.93 -19.42 -5.79
N HIS B 236 -3.93 -18.12 -5.53
CA HIS B 236 -5.15 -17.38 -5.23
C HIS B 236 -5.91 -17.07 -6.52
N SER B 237 -7.08 -16.43 -6.36
CA SER B 237 -7.93 -16.06 -7.49
C SER B 237 -8.24 -14.56 -7.49
N GLU B 238 -7.32 -13.74 -7.01
CA GLU B 238 -7.49 -12.31 -7.06
C GLU B 238 -6.82 -11.75 -8.32
N ILE B 239 -7.40 -10.68 -8.85
CA ILE B 239 -6.71 -9.88 -9.85
C ILE B 239 -5.63 -9.06 -9.16
N VAL B 240 -4.41 -9.14 -9.67
CA VAL B 240 -3.28 -8.40 -9.12
C VAL B 240 -3.01 -7.19 -10.00
N VAL B 241 -3.10 -6.00 -9.41
CA VAL B 241 -2.80 -4.77 -10.14
C VAL B 241 -1.33 -4.45 -9.90
N GLN B 242 -0.54 -4.54 -10.96
CA GLN B 242 0.90 -4.41 -10.88
C GLN B 242 1.42 -3.92 -12.22
N ASP B 243 2.53 -3.20 -12.19
CA ASP B 243 3.11 -2.67 -13.41
C ASP B 243 4.13 -3.64 -13.96
N LEU B 244 4.00 -3.95 -15.25
CA LEU B 244 4.91 -4.80 -16.00
C LEU B 244 5.73 -3.94 -16.95
N SER B 245 6.83 -4.51 -17.43
CA SER B 245 7.62 -3.88 -18.47
C SER B 245 7.50 -4.68 -19.75
N GLY B 246 8.01 -4.09 -20.83
CA GLY B 246 7.92 -4.73 -22.13
C GLY B 246 8.51 -6.12 -22.15
N GLU B 247 9.54 -6.36 -21.35
CA GLU B 247 10.20 -7.66 -21.32
C GLU B 247 9.43 -8.70 -20.52
N ASP B 248 8.31 -8.33 -19.89
CA ASP B 248 7.41 -9.32 -19.31
C ASP B 248 6.44 -9.91 -20.33
N VAL B 249 6.31 -9.29 -21.51
CA VAL B 249 5.31 -9.70 -22.49
C VAL B 249 5.85 -10.87 -23.29
N LEU B 250 5.12 -11.99 -23.29
CA LEU B 250 5.59 -13.24 -23.87
C LEU B 250 5.08 -13.51 -25.28
N ALA B 251 4.16 -12.67 -25.79
CA ALA B 251 3.63 -12.83 -27.13
C ALA B 251 3.00 -11.51 -27.57
N ARG B 252 2.78 -11.38 -28.87
CA ARG B 252 2.17 -10.16 -29.38
C ARG B 252 0.84 -9.92 -28.67
N PRO B 253 0.61 -8.74 -28.10
CA PRO B 253 -0.69 -8.48 -27.46
C PRO B 253 -1.84 -8.62 -28.44
N GLN B 254 -2.96 -9.10 -27.92
CA GLN B 254 -4.16 -9.32 -28.72
C GLN B 254 -5.29 -8.45 -28.20
N ARG B 255 -5.93 -7.73 -29.10
CA ARG B 255 -7.16 -7.03 -28.74
C ARG B 255 -8.28 -8.06 -28.69
N PHE B 256 -9.00 -8.12 -27.57
CA PHE B 256 -10.07 -9.10 -27.45
C PHE B 256 -11.45 -8.50 -27.25
N ALA B 257 -11.56 -7.19 -27.10
CA ALA B 257 -12.87 -6.56 -27.06
C ALA B 257 -12.72 -5.07 -27.35
N GLN B 258 -13.79 -4.48 -27.87
CA GLN B 258 -13.83 -3.04 -28.10
C GLN B 258 -15.18 -2.52 -27.65
N LEU B 259 -15.17 -1.41 -26.92
CA LEU B 259 -16.39 -0.80 -26.39
C LEU B 259 -16.60 0.54 -27.09
N GLU B 260 -17.73 0.68 -27.76
CA GLU B 260 -18.11 1.92 -28.44
C GLU B 260 -19.11 2.66 -27.56
N LEU B 261 -18.69 3.79 -26.98
CA LEU B 261 -19.48 4.45 -25.95
C LEU B 261 -20.77 5.05 -26.47
N ALA B 262 -20.87 5.30 -27.77
CA ALA B 262 -22.12 5.80 -28.34
C ALA B 262 -23.17 4.71 -28.45
N ARG B 263 -22.76 3.45 -28.49
CA ARG B 263 -23.66 2.35 -28.82
C ARG B 263 -24.77 2.25 -27.78
N ALA B 264 -26.01 2.43 -28.23
CA ALA B 264 -27.14 2.15 -27.36
C ALA B 264 -27.18 0.65 -27.12
N GLY B 265 -27.46 0.28 -25.87
CA GLY B 265 -27.43 -1.11 -25.48
C GLY B 265 -26.10 -1.57 -24.91
N LEU B 266 -25.08 -0.71 -24.91
CA LEU B 266 -23.81 -1.10 -24.30
C LEU B 266 -23.98 -1.40 -22.82
N GLU B 267 -24.85 -0.65 -22.13
CA GLU B 267 -25.00 -0.88 -20.70
C GLU B 267 -25.47 -2.30 -20.41
N GLN B 268 -26.35 -2.83 -21.26
CA GLN B 268 -26.80 -4.22 -21.09
C GLN B 268 -25.67 -5.21 -21.35
N GLU B 269 -24.84 -4.94 -22.36
CA GLU B 269 -23.68 -5.79 -22.61
C GLU B 269 -22.78 -5.89 -21.38
N LEU B 270 -22.57 -4.77 -20.67
CA LEU B 270 -21.69 -4.79 -19.51
C LEU B 270 -22.19 -5.78 -18.47
N GLU B 271 -23.51 -5.85 -18.27
CA GLU B 271 -24.07 -6.78 -17.31
C GLU B 271 -23.81 -8.23 -17.72
N ALA B 272 -23.94 -8.54 -19.00
CA ALA B 272 -23.73 -9.91 -19.46
C ALA B 272 -22.25 -10.28 -19.52
N GLY B 273 -21.38 -9.30 -19.56
CA GLY B 273 -19.95 -9.48 -19.70
C GLY B 273 -19.47 -9.01 -21.06
N VAL B 274 -18.25 -8.46 -21.08
CA VAL B 274 -17.61 -8.05 -22.32
C VAL B 274 -16.26 -8.77 -22.41
N GLY B 275 -15.91 -9.16 -23.63
CA GLY B 275 -14.65 -9.86 -23.84
C GLY B 275 -14.70 -10.63 -25.15
N GLY B 276 -13.87 -11.66 -25.24
CA GLY B 276 -13.79 -12.40 -26.48
C GLY B 276 -12.61 -13.36 -26.48
N ARG B 277 -12.50 -14.06 -27.61
CA ARG B 277 -11.47 -15.04 -27.84
C ARG B 277 -10.14 -14.36 -28.17
N PHE B 278 -9.04 -15.09 -27.92
CA PHE B 278 -7.73 -14.62 -28.34
C PHE B 278 -6.86 -15.81 -28.69
N ARG B 279 -5.85 -15.54 -29.52
CA ARG B 279 -4.87 -16.55 -29.91
C ARG B 279 -3.54 -15.85 -30.13
N CYS B 280 -2.46 -16.50 -29.71
CA CYS B 280 -1.13 -15.94 -29.88
C CYS B 280 -0.10 -17.07 -29.83
N SER B 281 1.13 -16.73 -30.21
CA SER B 281 2.25 -17.66 -30.20
C SER B 281 3.41 -17.02 -29.47
N CYS B 282 4.07 -17.78 -28.60
CA CYS B 282 5.04 -17.20 -27.68
C CYS B 282 6.34 -16.82 -28.39
N TYR B 283 6.98 -15.78 -27.85
CA TYR B 283 8.21 -15.26 -28.42
C TYR B 283 9.38 -16.22 -28.22
N GLY B 284 9.47 -16.84 -27.05
CA GLY B 284 10.57 -17.72 -26.76
C GLY B 284 10.34 -18.48 -25.48
N SER B 285 11.42 -19.08 -24.98
CA SER B 285 11.35 -19.93 -23.80
C SER B 285 11.30 -19.07 -22.54
N ALA B 286 10.36 -19.37 -21.67
CA ALA B 286 10.25 -18.72 -20.39
C ALA B 286 9.17 -19.41 -19.57
N PRO B 287 9.10 -19.16 -18.27
CA PRO B 287 7.96 -19.66 -17.49
C PRO B 287 6.75 -18.75 -17.68
N LEU B 288 5.67 -19.32 -18.18
CA LEU B 288 4.40 -18.62 -18.28
C LEU B 288 3.77 -18.51 -16.89
N HIS B 289 3.48 -17.29 -16.46
CA HIS B 289 2.84 -17.06 -15.16
C HIS B 289 1.36 -16.75 -15.27
N GLY B 290 0.88 -16.43 -16.46
CA GLY B 290 -0.50 -16.04 -16.63
C GLY B 290 -0.61 -14.97 -17.69
N PHE B 291 -1.55 -14.06 -17.51
CA PHE B 291 -1.89 -13.10 -18.53
C PHE B 291 -2.02 -11.71 -17.93
N ALA B 292 -1.65 -10.71 -18.71
CA ALA B 292 -1.92 -9.32 -18.37
C ALA B 292 -3.06 -8.82 -19.24
N VAL B 293 -3.98 -8.09 -18.62
CA VAL B 293 -5.06 -7.40 -19.31
C VAL B 293 -4.87 -5.90 -19.12
N TRP B 294 -4.99 -5.14 -20.20
CA TRP B 294 -4.93 -3.69 -20.10
C TRP B 294 -5.88 -3.10 -21.12
N PHE B 295 -5.96 -1.77 -21.13
CA PHE B 295 -6.88 -1.09 -22.02
C PHE B 295 -6.22 0.13 -22.62
N GLN B 296 -6.87 0.65 -23.66
CA GLN B 296 -6.60 1.99 -24.15
C GLN B 296 -7.93 2.64 -24.46
N VAL B 297 -7.95 3.97 -24.44
CA VAL B 297 -9.10 4.74 -24.88
C VAL B 297 -8.67 5.66 -26.01
N THR B 298 -9.57 5.91 -26.94
CA THR B 298 -9.27 6.70 -28.13
C THR B 298 -10.20 7.89 -28.19
N PHE B 299 -9.64 9.06 -28.37
CA PHE B 299 -10.39 10.28 -28.53
C PHE B 299 -10.69 10.53 -30.01
N PRO B 300 -11.79 11.20 -30.33
CA PRO B 300 -12.02 11.62 -31.72
C PRO B 300 -10.81 12.36 -32.28
N LYS B 306 -4.76 12.50 -36.83
CA LYS B 306 -4.72 11.22 -36.13
C LYS B 306 -5.41 11.33 -34.78
N PRO B 307 -6.21 10.33 -34.38
CA PRO B 307 -6.83 10.38 -33.05
C PRO B 307 -5.83 10.01 -31.96
N LEU B 308 -5.94 10.74 -30.84
CA LEU B 308 -5.07 10.50 -29.71
C LEU B 308 -5.54 9.29 -28.92
N VAL B 309 -4.59 8.43 -28.53
CA VAL B 309 -4.85 7.21 -27.78
C VAL B 309 -4.14 7.32 -26.43
N LEU B 310 -4.88 7.06 -25.35
CA LEU B 310 -4.32 6.92 -24.01
C LEU B 310 -4.22 5.43 -23.69
N SER B 311 -2.99 4.92 -23.56
CA SER B 311 -2.76 3.50 -23.39
C SER B 311 -2.25 3.19 -21.99
N THR B 312 -2.64 2.02 -21.46
CA THR B 312 -2.07 1.49 -20.23
C THR B 312 -1.26 0.22 -20.49
N SER B 313 -0.79 0.04 -21.72
CA SER B 313 0.01 -1.12 -22.08
C SER B 313 1.33 -1.14 -21.31
N PRO B 314 1.86 -2.32 -20.97
CA PRO B 314 3.21 -2.37 -20.39
C PRO B 314 4.29 -1.90 -21.35
N LEU B 315 4.00 -1.84 -22.65
CA LEU B 315 4.93 -1.38 -23.65
C LEU B 315 4.93 0.14 -23.79
N HIS B 316 4.07 0.84 -23.05
CA HIS B 316 3.95 2.28 -23.14
C HIS B 316 4.22 2.90 -21.77
N PRO B 317 4.37 4.23 -21.69
CA PRO B 317 4.71 4.84 -20.41
C PRO B 317 3.72 4.49 -19.30
N ALA B 318 4.24 4.34 -18.10
CA ALA B 318 3.43 3.85 -16.98
C ALA B 318 2.35 4.85 -16.61
N THR B 319 1.24 4.32 -16.11
CA THR B 319 0.10 5.07 -15.59
C THR B 319 -0.29 4.50 -14.25
N HIS B 320 -1.23 5.16 -13.57
CA HIS B 320 -1.64 4.67 -12.27
C HIS B 320 -2.49 3.41 -12.39
N TRP B 321 -3.04 3.14 -13.58
CA TRP B 321 -3.83 1.92 -13.78
C TRP B 321 -2.96 0.68 -13.82
N LYS B 322 -1.69 0.81 -14.14
CA LYS B 322 -0.80 -0.33 -14.30
C LYS B 322 -1.43 -1.34 -15.25
N GLN B 323 -1.40 -2.63 -14.89
CA GLN B 323 -2.10 -3.67 -15.64
C GLN B 323 -2.78 -4.60 -14.64
N ALA B 324 -3.73 -5.39 -15.14
CA ALA B 324 -4.46 -6.36 -14.34
C ALA B 324 -3.87 -7.73 -14.63
N LEU B 325 -3.22 -8.32 -13.64
CA LEU B 325 -2.49 -9.57 -13.83
C LEU B 325 -3.34 -10.75 -13.38
N LEU B 326 -3.38 -11.79 -14.21
CA LEU B 326 -4.17 -12.99 -14.00
C LEU B 326 -3.19 -14.17 -13.92
N TYR B 327 -2.79 -14.55 -12.72
CA TYR B 327 -1.79 -15.58 -12.55
C TYR B 327 -2.42 -16.97 -12.63
N LEU B 328 -1.72 -17.87 -13.31
CA LEU B 328 -2.03 -19.28 -13.22
C LEU B 328 -1.68 -19.78 -11.83
N ASN B 329 -2.15 -20.98 -11.50
CA ASN B 329 -1.88 -21.54 -10.18
C ASN B 329 -0.40 -21.83 -10.00
N GLU B 330 0.31 -22.14 -11.07
CA GLU B 330 1.75 -22.33 -11.00
C GLU B 330 2.34 -22.05 -12.36
N PRO B 331 3.64 -21.76 -12.43
CA PRO B 331 4.27 -21.49 -13.74
C PRO B 331 4.15 -22.68 -14.66
N VAL B 332 4.11 -22.38 -15.97
CA VAL B 332 4.00 -23.40 -17.01
C VAL B 332 5.11 -23.10 -18.02
N PRO B 333 6.03 -24.04 -18.28
CA PRO B 333 7.07 -23.77 -19.28
C PRO B 333 6.49 -23.65 -20.68
N VAL B 334 6.93 -22.61 -21.40
CA VAL B 334 6.55 -22.41 -22.79
C VAL B 334 7.82 -22.13 -23.59
N GLU B 335 7.71 -22.23 -24.90
CA GLU B 335 8.85 -22.12 -25.80
C GLU B 335 8.45 -21.25 -26.98
N GLN B 336 9.43 -20.95 -27.82
CA GLN B 336 9.16 -20.19 -29.04
C GLN B 336 8.07 -20.90 -29.83
N ASP B 337 7.08 -20.14 -30.28
CA ASP B 337 5.99 -20.61 -31.13
C ASP B 337 4.97 -21.47 -30.38
N THR B 338 5.06 -21.58 -29.06
CA THR B 338 4.01 -22.23 -28.30
C THR B 338 2.71 -21.46 -28.50
N ASP B 339 1.68 -22.15 -28.96
CA ASP B 339 0.40 -21.51 -29.20
C ASP B 339 -0.40 -21.44 -27.90
N ILE B 340 -0.96 -20.27 -27.63
CA ILE B 340 -1.83 -20.06 -26.48
C ILE B 340 -3.12 -19.46 -27.02
N SER B 341 -4.24 -20.11 -26.73
CA SER B 341 -5.55 -19.58 -27.08
C SER B 341 -6.39 -19.50 -25.82
N GLY B 342 -7.47 -18.75 -25.89
CA GLY B 342 -8.36 -18.67 -24.75
C GLY B 342 -9.45 -17.63 -24.98
N GLU B 343 -10.08 -17.27 -23.87
CA GLU B 343 -11.16 -16.30 -23.88
C GLU B 343 -11.15 -15.61 -22.54
N ILE B 344 -11.48 -14.32 -22.56
CA ILE B 344 -11.50 -13.49 -21.36
C ILE B 344 -12.82 -12.75 -21.33
N THR B 345 -13.47 -12.76 -20.17
CA THR B 345 -14.73 -12.06 -19.98
C THR B 345 -14.65 -11.20 -18.74
N LEU B 346 -14.97 -9.91 -18.88
CA LEU B 346 -15.01 -8.95 -17.79
C LEU B 346 -16.47 -8.80 -17.35
N LEU B 347 -16.74 -9.06 -16.07
CA LEU B 347 -18.10 -9.12 -15.55
C LEU B 347 -18.18 -8.36 -14.23
N PRO B 348 -19.35 -7.83 -13.90
CA PRO B 348 -19.56 -7.37 -12.52
C PRO B 348 -19.63 -8.55 -11.57
N SER B 349 -19.09 -8.37 -10.37
CA SER B 349 -19.17 -9.41 -9.36
C SER B 349 -20.63 -9.59 -8.94
N PRO B 350 -21.06 -10.82 -8.64
CA PRO B 350 -22.45 -11.00 -8.22
C PRO B 350 -22.78 -10.29 -6.92
N ASP B 351 -21.83 -10.22 -5.99
CA ASP B 351 -22.06 -9.57 -4.70
C ASP B 351 -21.93 -8.05 -4.77
N ASN B 352 -21.36 -7.50 -5.85
CA ASN B 352 -21.07 -6.07 -5.91
C ASN B 352 -20.88 -5.65 -7.36
N PRO B 353 -21.90 -5.07 -8.00
CA PRO B 353 -21.76 -4.67 -9.41
C PRO B 353 -20.55 -3.82 -9.71
N ARG B 354 -20.08 -3.02 -8.75
CA ARG B 354 -18.92 -2.16 -8.99
C ARG B 354 -17.59 -2.90 -8.90
N ARG B 355 -17.60 -4.16 -8.48
CA ARG B 355 -16.38 -4.94 -8.31
C ARG B 355 -16.15 -5.78 -9.56
N LEU B 356 -14.95 -5.69 -10.12
CA LEU B 356 -14.65 -6.37 -11.37
C LEU B 356 -14.35 -7.84 -11.14
N ARG B 357 -14.89 -8.66 -12.03
CA ARG B 357 -14.61 -10.09 -12.10
C ARG B 357 -14.11 -10.41 -13.50
N ILE B 358 -13.20 -11.37 -13.60
CA ILE B 358 -12.67 -11.78 -14.90
C ILE B 358 -12.68 -13.30 -14.96
N LEU B 359 -13.40 -13.84 -15.94
CA LEU B 359 -13.38 -15.26 -16.24
C LEU B 359 -12.30 -15.53 -17.28
N LEU B 360 -11.40 -16.45 -16.97
CA LEU B 360 -10.31 -16.82 -17.86
C LEU B 360 -10.47 -18.27 -18.28
N ARG B 361 -10.44 -18.50 -19.59
CA ARG B 361 -10.32 -19.83 -20.17
C ARG B 361 -9.09 -19.82 -21.06
N TYR B 362 -8.25 -20.84 -20.94
CA TYR B 362 -7.00 -20.82 -21.69
C TYR B 362 -6.52 -22.24 -22.00
N LYS B 363 -5.76 -22.34 -23.08
CA LYS B 363 -5.16 -23.59 -23.52
C LYS B 363 -3.73 -23.29 -23.97
N VAL B 364 -2.77 -23.97 -23.34
CA VAL B 364 -1.35 -23.78 -23.64
C VAL B 364 -0.88 -25.00 -24.41
N GLY B 365 -0.43 -24.78 -25.65
CA GLY B 365 0.08 -25.89 -26.43
C GLY B 365 -0.92 -27.01 -26.55
N ASP B 366 -0.47 -28.25 -26.31
CA ASP B 366 -1.32 -29.43 -26.36
C ASP B 366 -2.09 -29.67 -25.08
N HIS B 367 -1.79 -28.95 -24.01
CA HIS B 367 -2.41 -29.24 -22.73
C HIS B 367 -3.92 -29.04 -22.82
N GLU B 368 -4.64 -29.66 -21.89
CA GLU B 368 -6.08 -29.53 -21.87
C GLU B 368 -6.48 -28.12 -21.47
N GLU B 369 -7.64 -27.69 -21.95
CA GLU B 369 -8.14 -26.36 -21.62
C GLU B 369 -8.36 -26.25 -20.12
N LYS B 370 -8.06 -25.08 -19.57
CA LYS B 370 -8.22 -24.82 -18.16
C LYS B 370 -8.99 -23.52 -17.97
N THR B 371 -9.47 -23.32 -16.74
CA THR B 371 -10.26 -22.14 -16.40
C THR B 371 -9.82 -21.63 -15.03
N LYS B 372 -9.92 -20.31 -14.87
CA LYS B 372 -9.71 -19.68 -13.57
C LYS B 372 -10.57 -18.44 -13.51
N ASP B 373 -11.14 -18.19 -12.34
CA ASP B 373 -12.16 -17.17 -12.10
C ASP B 373 -11.61 -16.17 -11.10
N PHE B 374 -11.29 -14.96 -11.56
CA PHE B 374 -10.61 -13.96 -10.75
C PHE B 374 -11.56 -12.86 -10.32
N ALA B 375 -11.24 -12.22 -9.19
CA ALA B 375 -11.98 -11.03 -8.76
C ALA B 375 -11.01 -10.00 -8.20
N MET B 376 -11.37 -8.73 -8.35
CA MET B 376 -10.54 -7.63 -7.86
C MET B 376 -10.47 -7.63 -6.33
#